data_5UR9
#
_entry.id   5UR9
#
_cell.length_a   68.990
_cell.length_b   78.110
_cell.length_c   78.830
_cell.angle_alpha   61.660
_cell.angle_beta   69.610
_cell.angle_gamma   78.010
#
_symmetry.space_group_name_H-M   'P 1'
#
loop_
_entity.id
_entity.type
_entity.pdbx_description
1 polymer 'Fatty acid-binding protein, epidermal'
2 non-polymer '(1S,2S,3S,4S)-3-{[(naphthalen-1-yl)oxy]carbonyl}-2,4-diphenylcyclobutane-1-carboxylic acid'
3 non-polymer 'SULFATE ION'
4 non-polymer 'MYRISTIC ACID'
5 non-polymer 'PENTAETHYLENE GLYCOL'
6 water water
#
_entity_poly.entity_id   1
_entity_poly.type   'polypeptide(L)'
_entity_poly.pdbx_seq_one_letter_code
;GSHMATVQQLEGRWRLVDSKGFDEYMKELGVGIALRKMGAMAKPDCIITCDGKNLTIKTESTLKTTQFSCTLGEKFEETT
ADGRKTQTVCNFTDGALVQHQEWDGKESTITRKLKDGKLVVECVMNNVTCTRIYEKVE
;
_entity_poly.pdbx_strand_id   A,B,C,D,E,F,G,H
#
loop_
_chem_comp.id
_chem_comp.type
_chem_comp.name
_chem_comp.formula
1PE non-polymer 'PENTAETHYLENE GLYCOL' 'C10 H22 O6'
8KS non-polymer '(1S,2S,3S,4S)-3-{[(naphthalen-1-yl)oxy]carbonyl}-2,4-diphenylcyclobutane-1-carboxylic acid' 'C28 H22 O4'
MYR non-polymer 'MYRISTIC ACID' 'C14 H28 O2'
SO4 non-polymer 'SULFATE ION' 'O4 S -2'
#
# COMPACT_ATOMS: atom_id res chain seq x y z
N ALA A 5 -8.14 0.22 16.89
CA ALA A 5 -9.51 0.53 16.52
C ALA A 5 -10.45 0.29 17.69
N THR A 6 -10.13 -0.68 18.56
CA THR A 6 -10.94 -0.91 19.76
C THR A 6 -10.04 -1.00 20.98
N VAL A 7 -10.64 -0.72 22.15
CA VAL A 7 -9.91 -0.79 23.41
C VAL A 7 -9.50 -2.22 23.72
N GLN A 8 -10.29 -3.19 23.30
CA GLN A 8 -9.95 -4.58 23.55
C GLN A 8 -8.63 -4.96 22.89
N GLN A 9 -8.27 -4.30 21.79
CA GLN A 9 -6.95 -4.60 21.23
C GLN A 9 -5.82 -4.12 22.13
N LEU A 10 -6.08 -3.16 23.02
CA LEU A 10 -5.06 -2.73 23.96
C LEU A 10 -4.97 -3.59 25.21
N GLU A 11 -5.99 -4.40 25.50
CA GLU A 11 -5.99 -5.21 26.71
C GLU A 11 -4.94 -6.32 26.65
N GLY A 12 -4.30 -6.58 27.79
CA GLY A 12 -3.32 -7.63 27.94
C GLY A 12 -2.06 -7.11 28.60
N ARG A 13 -1.02 -7.95 28.57
CA ARG A 13 0.28 -7.63 29.12
C ARG A 13 1.27 -7.32 27.99
N TRP A 14 1.94 -6.18 28.14
CA TRP A 14 2.88 -5.58 27.21
C TRP A 14 4.24 -5.40 27.88
N ARG A 15 5.32 -5.66 27.14
CA ARG A 15 6.68 -5.54 27.67
C ARG A 15 7.38 -4.39 26.95
N LEU A 16 8.06 -3.53 27.71
CA LEU A 16 8.74 -2.38 27.09
C LEU A 16 9.88 -2.85 26.20
N VAL A 17 9.89 -2.42 24.94
CA VAL A 17 10.98 -2.76 24.05
C VAL A 17 11.73 -1.55 23.52
N ASP A 18 11.17 -0.35 23.58
CA ASP A 18 11.96 0.78 23.12
C ASP A 18 11.45 2.04 23.80
N SER A 19 12.33 3.03 23.93
CA SER A 19 11.98 4.26 24.64
C SER A 19 12.81 5.43 24.10
N LYS A 20 12.18 6.59 23.97
CA LYS A 20 12.82 7.77 23.40
C LYS A 20 12.24 9.02 24.05
N GLY A 21 13.08 9.83 24.67
CA GLY A 21 12.67 11.07 25.26
C GLY A 21 12.04 10.96 26.64
N PHE A 22 12.13 9.79 27.27
CA PHE A 22 11.50 9.62 28.57
C PHE A 22 12.16 10.51 29.61
N ASP A 23 13.49 10.66 29.55
CA ASP A 23 14.18 11.53 30.50
C ASP A 23 13.73 12.99 30.33
N GLU A 24 13.61 13.46 29.08
CA GLU A 24 13.14 14.83 28.86
C GLU A 24 11.71 15.00 29.35
N TYR A 25 10.88 13.96 29.17
CA TYR A 25 9.50 14.08 29.62
C TYR A 25 9.43 14.14 31.15
N MET A 26 10.13 13.25 31.84
CA MET A 26 10.13 13.30 33.30
C MET A 26 10.70 14.62 33.79
N LYS A 27 11.74 15.12 33.15
CA LYS A 27 12.30 16.42 33.51
C LYS A 27 11.23 17.51 33.39
N GLU A 28 10.44 17.48 32.32
CA GLU A 28 9.36 18.44 32.18
C GLU A 28 8.35 18.29 33.31
N LEU A 29 8.10 17.06 33.78
CA LEU A 29 7.18 16.85 34.90
C LEU A 29 7.73 17.35 36.23
N GLY A 30 9.01 17.67 36.32
CA GLY A 30 9.60 18.09 37.58
C GLY A 30 10.21 16.97 38.38
N VAL A 31 10.47 15.84 37.77
CA VAL A 31 11.01 14.68 38.47
C VAL A 31 12.49 14.91 38.71
N GLY A 32 12.96 14.57 39.92
CA GLY A 32 14.38 14.68 40.23
C GLY A 32 15.22 13.69 39.44
N ILE A 33 16.52 13.98 39.36
CA ILE A 33 17.42 13.19 38.53
C ILE A 33 17.47 11.74 39.01
N ALA A 34 17.38 11.53 40.32
CA ALA A 34 17.43 10.17 40.86
C ALA A 34 16.25 9.35 40.37
N LEU A 35 15.04 9.89 40.50
CA LEU A 35 13.87 9.18 40.01
C LEU A 35 13.93 9.03 38.49
N ARG A 36 14.46 10.04 37.79
CA ARG A 36 14.60 9.93 36.33
C ARG A 36 15.51 8.78 35.95
N LYS A 37 16.60 8.57 36.66
CA LYS A 37 17.48 7.48 36.30
C LYS A 37 16.85 6.14 36.65
N MET A 38 16.20 6.04 37.80
CA MET A 38 15.50 4.81 38.13
C MET A 38 14.41 4.51 37.09
N GLY A 39 13.65 5.52 36.69
CA GLY A 39 12.60 5.33 35.69
C GLY A 39 13.17 4.94 34.34
N ALA A 40 14.26 5.59 33.93
CA ALA A 40 14.95 5.23 32.69
C ALA A 40 15.45 3.79 32.72
N MET A 41 15.98 3.32 33.86
CA MET A 41 16.51 1.96 33.89
C MET A 41 15.43 0.91 33.90
N ALA A 42 14.23 1.23 34.39
CA ALA A 42 13.19 0.23 34.51
C ALA A 42 12.73 -0.25 33.13
N LYS A 43 12.32 -1.51 33.09
CA LYS A 43 11.82 -2.15 31.88
C LYS A 43 10.47 -2.75 32.23
N PRO A 44 9.47 -1.91 32.52
CA PRO A 44 8.24 -2.39 33.15
C PRO A 44 7.28 -3.00 32.15
N ASP A 45 6.62 -4.07 32.57
CA ASP A 45 5.41 -4.52 31.89
C ASP A 45 4.25 -3.57 32.20
N CYS A 46 3.38 -3.40 31.22
CA CYS A 46 2.15 -2.65 31.37
C CYS A 46 1.00 -3.61 31.13
N ILE A 47 0.10 -3.73 32.10
CA ILE A 47 -1.07 -4.60 32.00
C ILE A 47 -2.33 -3.74 31.93
N ILE A 48 -3.07 -3.87 30.83
CA ILE A 48 -4.29 -3.10 30.60
C ILE A 48 -5.47 -4.07 30.67
N THR A 49 -6.46 -3.73 31.49
CA THR A 49 -7.69 -4.49 31.67
C THR A 49 -8.89 -3.55 31.54
N CYS A 50 -9.95 -4.01 30.88
CA CYS A 50 -11.15 -3.19 30.68
C CYS A 50 -12.38 -4.09 30.67
N ASP A 51 -13.40 -3.73 31.47
CA ASP A 51 -14.64 -4.51 31.56
C ASP A 51 -15.78 -3.89 30.76
N GLY A 52 -15.50 -2.93 29.88
CA GLY A 52 -16.54 -2.22 29.17
C GLY A 52 -16.75 -0.80 29.66
N LYS A 53 -16.64 -0.62 30.98
CA LYS A 53 -16.81 0.64 31.66
C LYS A 53 -15.55 1.11 32.40
N ASN A 54 -14.91 0.20 33.12
CA ASN A 54 -13.78 0.51 33.99
C ASN A 54 -12.46 0.11 33.33
N LEU A 55 -11.52 1.05 33.29
CA LEU A 55 -10.19 0.85 32.74
C LEU A 55 -9.22 0.69 33.91
N THR A 56 -8.40 -0.36 33.88
CA THR A 56 -7.35 -0.56 34.88
C THR A 56 -6.02 -0.67 34.15
N ILE A 57 -5.03 0.14 34.56
CA ILE A 57 -3.68 0.09 34.01
C ILE A 57 -2.70 -0.14 35.15
N LYS A 58 -1.92 -1.21 35.05
CA LYS A 58 -0.90 -1.58 36.02
C LYS A 58 0.48 -1.56 35.38
N THR A 59 1.43 -0.93 36.06
CA THR A 59 2.83 -0.85 35.67
C THR A 59 3.64 -1.67 36.66
N GLU A 60 4.35 -2.68 36.16
CA GLU A 60 5.06 -3.66 36.97
C GLU A 60 6.53 -3.72 36.59
N SER A 61 7.40 -3.37 37.53
CA SER A 61 8.84 -3.59 37.48
C SER A 61 9.27 -4.44 38.65
N THR A 62 10.53 -4.84 38.65
CA THR A 62 11.04 -5.64 39.75
C THR A 62 10.85 -4.86 41.04
N LEU A 63 10.14 -5.43 41.99
CA LEU A 63 9.92 -4.81 43.30
C LEU A 63 9.07 -3.53 43.27
N LYS A 64 8.57 -3.07 42.12
CA LYS A 64 7.75 -1.86 42.11
C LYS A 64 6.50 -2.09 41.28
N THR A 65 5.32 -1.86 41.87
CA THR A 65 4.09 -1.99 41.12
C THR A 65 3.19 -0.81 41.43
N THR A 66 2.61 -0.19 40.41
CA THR A 66 1.56 0.79 40.63
C THR A 66 0.43 0.46 39.68
N GLN A 67 -0.80 0.78 40.09
CA GLN A 67 -2.00 0.45 39.34
C GLN A 67 -3.09 1.44 39.65
N PHE A 68 -3.85 1.83 38.62
CA PHE A 68 -5.06 2.64 38.84
C PHE A 68 -6.21 2.10 38.03
N SER A 69 -7.41 2.35 38.55
CA SER A 69 -8.65 2.00 37.89
C SER A 69 -9.53 3.24 37.84
N CYS A 70 -10.26 3.39 36.75
CA CYS A 70 -11.10 4.55 36.56
C CYS A 70 -12.28 4.12 35.71
N THR A 71 -13.25 5.01 35.58
CA THR A 71 -14.35 4.84 34.65
C THR A 71 -14.05 5.68 33.42
N LEU A 72 -14.09 5.04 32.25
CA LEU A 72 -13.81 5.78 31.02
C LEU A 72 -14.75 6.98 30.95
N GLY A 73 -14.19 8.15 30.62
CA GLY A 73 -14.95 9.37 30.49
C GLY A 73 -15.19 10.17 31.77
N GLU A 74 -14.93 9.61 32.95
CA GLU A 74 -15.21 10.27 34.23
C GLU A 74 -13.91 10.72 34.89
N LYS A 75 -13.89 11.98 35.31
CA LYS A 75 -12.75 12.52 36.04
C LYS A 75 -12.52 11.72 37.32
N PHE A 76 -11.25 11.58 37.69
CA PHE A 76 -10.91 10.95 38.96
C PHE A 76 -9.56 11.50 39.37
N GLU A 77 -9.12 11.15 40.57
CA GLU A 77 -7.81 11.62 41.01
C GLU A 77 -6.79 10.50 40.90
N GLU A 78 -5.69 10.79 40.23
CA GLU A 78 -4.56 9.89 40.10
C GLU A 78 -3.45 10.27 41.05
N THR A 79 -2.79 9.27 41.61
CA THR A 79 -1.58 9.43 42.42
C THR A 79 -0.45 8.87 41.56
N THR A 80 0.37 9.75 40.99
CA THR A 80 1.36 9.25 40.04
C THR A 80 2.61 8.76 40.75
N ALA A 81 3.43 8.01 40.02
CA ALA A 81 4.61 7.41 40.62
C ALA A 81 5.57 8.46 41.13
N ASP A 82 5.67 9.59 40.43
CA ASP A 82 6.51 10.68 40.91
C ASP A 82 5.85 11.47 42.03
N GLY A 83 4.59 11.19 42.36
CA GLY A 83 3.95 11.78 43.52
C GLY A 83 3.00 12.92 43.25
N ARG A 84 2.61 13.15 42.00
CA ARG A 84 1.62 14.16 41.70
C ARG A 84 0.23 13.64 42.03
N LYS A 85 -0.62 14.54 42.50
CA LYS A 85 -2.04 14.28 42.64
C LYS A 85 -2.70 15.00 41.47
N THR A 86 -3.09 14.25 40.46
CA THR A 86 -3.65 14.85 39.27
C THR A 86 -5.13 14.59 39.20
N GLN A 87 -5.84 15.45 38.48
CA GLN A 87 -7.18 15.12 38.03
C GLN A 87 -7.02 14.55 36.62
N THR A 88 -7.48 13.33 36.44
CA THR A 88 -7.24 12.55 35.25
C THR A 88 -8.56 12.09 34.64
N VAL A 89 -8.58 12.01 33.32
CA VAL A 89 -9.70 11.40 32.62
C VAL A 89 -9.13 10.54 31.51
N CYS A 90 -9.61 9.31 31.40
CA CYS A 90 -9.19 8.40 30.34
C CYS A 90 -10.37 8.20 29.41
N ASN A 91 -10.14 8.43 28.11
CA ASN A 91 -11.14 8.24 27.07
C ASN A 91 -10.53 7.39 25.96
N PHE A 92 -11.39 6.68 25.25
CA PHE A 92 -10.99 6.04 24.00
C PHE A 92 -11.53 6.89 22.86
N THR A 93 -10.64 7.49 22.09
CA THR A 93 -11.02 8.45 21.07
C THR A 93 -10.20 8.23 19.82
N ASP A 94 -10.86 8.23 18.67
CA ASP A 94 -10.17 8.13 17.39
C ASP A 94 -9.12 7.03 17.42
N GLY A 95 -9.53 5.87 17.91
CA GLY A 95 -8.70 4.69 17.92
C GLY A 95 -7.57 4.68 18.94
N ALA A 96 -7.53 5.61 19.89
CA ALA A 96 -6.44 5.63 20.87
C ALA A 96 -7.02 5.84 22.26
N LEU A 97 -6.36 5.23 23.24
CA LEU A 97 -6.69 5.48 24.63
C LEU A 97 -5.91 6.74 25.05
N VAL A 98 -6.62 7.77 25.50
CA VAL A 98 -6.07 9.08 25.85
C VAL A 98 -6.26 9.32 27.35
N GLN A 99 -5.16 9.54 28.05
CA GLN A 99 -5.16 9.74 29.50
C GLN A 99 -4.73 11.19 29.70
N HIS A 100 -5.65 12.03 30.16
CA HIS A 100 -5.36 13.45 30.30
C HIS A 100 -5.23 13.79 31.78
N GLN A 101 -4.12 14.44 32.13
CA GLN A 101 -3.76 14.77 33.50
C GLN A 101 -3.71 16.29 33.67
N GLU A 102 -4.27 16.77 34.79
CA GLU A 102 -4.29 18.19 35.14
C GLU A 102 -3.91 18.38 36.61
N TRP A 103 -2.94 19.25 36.86
CA TRP A 103 -2.56 19.54 38.24
C TRP A 103 -1.80 20.86 38.30
N ASP A 104 -2.14 21.73 39.26
CA ASP A 104 -1.42 22.99 39.45
C ASP A 104 -1.38 23.85 38.20
N GLY A 105 -2.48 23.89 37.45
CA GLY A 105 -2.43 24.66 36.22
C GLY A 105 -1.54 24.06 35.14
N LYS A 106 -0.95 22.90 35.37
CA LYS A 106 -0.18 22.14 34.40
C LYS A 106 -1.01 20.99 33.84
N GLU A 107 -0.54 20.42 32.72
CA GLU A 107 -1.25 19.29 32.16
C GLU A 107 -0.33 18.45 31.29
N SER A 108 -0.69 17.17 31.16
CA SER A 108 0.06 16.22 30.36
C SER A 108 -0.91 15.21 29.76
N THR A 109 -0.58 14.70 28.59
CA THR A 109 -1.43 13.72 27.93
C THR A 109 -0.60 12.48 27.59
N ILE A 110 -1.10 11.30 27.95
CA ILE A 110 -0.46 10.03 27.60
C ILE A 110 -1.41 9.31 26.64
N THR A 111 -0.96 9.07 25.40
CA THR A 111 -1.76 8.42 24.37
C THR A 111 -1.20 7.02 24.08
N ARG A 112 -2.07 6.01 24.10
CA ARG A 112 -1.68 4.63 23.84
C ARG A 112 -2.50 4.10 22.67
N LYS A 113 -1.82 3.67 21.61
CA LYS A 113 -2.53 3.17 20.44
C LYS A 113 -1.81 1.95 19.88
N LEU A 114 -2.53 1.13 19.13
CA LEU A 114 -1.95 -0.02 18.44
C LEU A 114 -1.39 0.40 17.08
N LYS A 115 -0.12 0.05 16.85
CA LYS A 115 0.55 0.39 15.59
C LYS A 115 1.43 -0.79 15.19
N ASP A 116 1.10 -1.42 14.07
CA ASP A 116 1.84 -2.60 13.59
C ASP A 116 1.86 -3.69 14.67
N GLY A 117 0.71 -3.91 15.30
CA GLY A 117 0.64 -4.90 16.35
C GLY A 117 1.37 -4.56 17.64
N LYS A 118 2.04 -3.40 17.75
CA LYS A 118 2.73 -3.04 18.98
C LYS A 118 1.99 -1.89 19.69
N LEU A 119 2.18 -1.80 21.01
CA LEU A 119 1.58 -0.71 21.79
C LEU A 119 2.52 0.47 21.77
N VAL A 120 2.06 1.58 21.20
CA VAL A 120 2.85 2.81 21.11
C VAL A 120 2.25 3.81 22.10
N VAL A 121 3.09 4.26 23.03
CA VAL A 121 2.71 5.10 24.16
C VAL A 121 3.48 6.40 24.00
N GLU A 122 2.76 7.50 23.77
CA GLU A 122 3.38 8.81 23.59
C GLU A 122 2.97 9.69 24.76
N CYS A 123 3.95 10.22 25.48
CA CYS A 123 3.71 11.08 26.63
C CYS A 123 4.12 12.49 26.26
N VAL A 124 3.19 13.41 26.43
CA VAL A 124 3.37 14.78 26.02
C VAL A 124 3.17 15.70 27.21
N MET A 125 4.02 16.70 27.31
CA MET A 125 3.78 17.80 28.25
C MET A 125 4.42 19.05 27.68
N ASN A 126 3.63 20.11 27.57
CA ASN A 126 4.11 21.34 26.93
C ASN A 126 4.57 20.94 25.52
N ASN A 127 5.83 21.15 25.16
CA ASN A 127 6.26 20.83 23.81
C ASN A 127 7.25 19.66 23.81
N VAL A 128 7.27 18.91 24.90
CA VAL A 128 8.09 17.72 25.02
C VAL A 128 7.27 16.49 24.69
N THR A 129 7.83 15.63 23.85
CA THR A 129 7.19 14.38 23.49
C THR A 129 8.13 13.22 23.74
N CYS A 130 7.56 12.13 24.22
CA CYS A 130 8.26 10.89 24.49
C CYS A 130 7.50 9.76 23.85
N THR A 131 8.21 8.77 23.30
CA THR A 131 7.55 7.60 22.72
C THR A 131 8.18 6.33 23.27
N ARG A 132 7.32 5.42 23.72
CA ARG A 132 7.70 4.14 24.31
C ARG A 132 6.91 3.05 23.60
N ILE A 133 7.60 1.97 23.25
CA ILE A 133 7.01 0.89 22.49
C ILE A 133 7.07 -0.38 23.31
N TYR A 134 5.92 -1.08 23.36
CA TYR A 134 5.77 -2.36 24.04
C TYR A 134 5.30 -3.43 23.08
N GLU A 135 5.78 -4.66 23.32
CA GLU A 135 5.34 -5.81 22.57
C GLU A 135 4.39 -6.65 23.41
N LYS A 136 3.43 -7.25 22.74
CA LYS A 136 2.45 -8.06 23.43
C LYS A 136 3.13 -9.32 23.98
N VAL A 137 2.91 -9.61 25.26
CA VAL A 137 3.38 -10.85 25.83
C VAL A 137 2.25 -11.70 26.36
N GLU A 138 1.05 -11.14 26.53
CA GLU A 138 -0.04 -11.93 27.11
C GLU A 138 -1.38 -11.29 26.82
N ALA B 5 9.19 -3.90 -6.22
CA ALA B 5 8.10 -4.69 -5.63
C ALA B 5 8.64 -5.90 -4.87
N THR B 6 8.01 -6.21 -3.72
CA THR B 6 8.36 -7.37 -2.92
C THR B 6 7.11 -8.20 -2.61
N VAL B 7 7.33 -9.47 -2.28
CA VAL B 7 6.21 -10.37 -1.99
C VAL B 7 5.44 -9.90 -0.76
N GLN B 8 6.14 -9.38 0.25
CA GLN B 8 5.47 -8.93 1.46
C GLN B 8 4.45 -7.83 1.19
N GLN B 9 4.52 -7.16 0.03
CA GLN B 9 3.52 -6.15 -0.28
C GLN B 9 2.14 -6.74 -0.50
N LEU B 10 2.06 -8.04 -0.77
CA LEU B 10 0.78 -8.72 -0.96
C LEU B 10 0.09 -9.09 0.34
N GLU B 11 0.79 -8.98 1.47
CA GLU B 11 0.24 -9.45 2.72
C GLU B 11 -0.99 -8.64 3.10
N GLY B 12 -1.96 -9.31 3.74
CA GLY B 12 -3.16 -8.67 4.24
C GLY B 12 -4.43 -9.42 3.81
N ARG B 13 -5.56 -8.78 4.07
CA ARG B 13 -6.87 -9.33 3.73
C ARG B 13 -7.38 -8.59 2.52
N TRP B 14 -7.82 -9.34 1.51
CA TRP B 14 -8.27 -8.81 0.25
C TRP B 14 -9.71 -9.27 -0.01
N ARG B 15 -10.55 -8.35 -0.46
CA ARG B 15 -11.95 -8.61 -0.71
C ARG B 15 -12.23 -8.52 -2.20
N LEU B 16 -12.92 -9.53 -2.72
CA LEU B 16 -13.19 -9.57 -4.15
C LEU B 16 -14.13 -8.44 -4.56
N VAL B 17 -13.73 -7.66 -5.56
CA VAL B 17 -14.57 -6.62 -6.13
C VAL B 17 -14.89 -6.86 -7.60
N ASP B 18 -14.13 -7.67 -8.33
CA ASP B 18 -14.42 -7.89 -9.74
C ASP B 18 -13.89 -9.25 -10.17
N SER B 19 -14.54 -9.82 -11.18
CA SER B 19 -14.19 -11.13 -11.70
C SER B 19 -14.57 -11.20 -13.16
N LYS B 20 -13.96 -12.14 -13.89
CA LYS B 20 -14.19 -12.25 -15.31
C LYS B 20 -13.58 -13.55 -15.84
N GLY B 21 -14.39 -14.37 -16.51
CA GLY B 21 -13.91 -15.64 -17.01
C GLY B 21 -13.69 -16.70 -15.96
N PHE B 22 -14.15 -16.48 -14.72
CA PHE B 22 -13.95 -17.47 -13.67
C PHE B 22 -14.76 -18.73 -13.95
N ASP B 23 -15.98 -18.59 -14.46
CA ASP B 23 -16.77 -19.76 -14.79
C ASP B 23 -16.07 -20.58 -15.87
N GLU B 24 -15.60 -19.92 -16.93
CA GLU B 24 -14.90 -20.65 -17.98
C GLU B 24 -13.63 -21.29 -17.46
N TYR B 25 -12.92 -20.61 -16.57
CA TYR B 25 -11.72 -21.19 -16.00
C TYR B 25 -12.06 -22.44 -15.21
N MET B 26 -13.08 -22.37 -14.36
CA MET B 26 -13.47 -23.55 -13.57
C MET B 26 -13.92 -24.69 -14.48
N LYS B 27 -14.66 -24.36 -15.54
CA LYS B 27 -15.02 -25.37 -16.53
C LYS B 27 -13.76 -26.03 -17.10
N GLU B 28 -12.76 -25.23 -17.45
CA GLU B 28 -11.51 -25.79 -17.96
C GLU B 28 -10.84 -26.70 -16.93
N LEU B 29 -10.96 -26.38 -15.64
CA LEU B 29 -10.36 -27.22 -14.60
C LEU B 29 -11.04 -28.57 -14.44
N GLY B 30 -12.24 -28.73 -14.99
CA GLY B 30 -13.03 -29.92 -14.78
C GLY B 30 -14.05 -29.83 -13.66
N VAL B 31 -14.35 -28.62 -13.19
CA VAL B 31 -15.29 -28.44 -12.08
C VAL B 31 -16.72 -28.58 -12.57
N GLY B 32 -17.54 -29.32 -11.81
CA GLY B 32 -18.94 -29.48 -12.15
C GLY B 32 -19.74 -28.19 -12.03
N ILE B 33 -20.93 -28.20 -12.64
CA ILE B 33 -21.73 -26.99 -12.73
C ILE B 33 -22.17 -26.50 -11.35
N ALA B 34 -22.46 -27.43 -10.43
CA ALA B 34 -22.89 -27.01 -9.09
C ALA B 34 -21.77 -26.26 -8.38
N LEU B 35 -20.58 -26.86 -8.33
CA LEU B 35 -19.43 -26.19 -7.74
C LEU B 35 -19.10 -24.89 -8.46
N ARG B 36 -19.35 -24.82 -9.78
CA ARG B 36 -19.09 -23.59 -10.51
C ARG B 36 -20.04 -22.49 -10.09
N LYS B 37 -21.32 -22.83 -9.94
CA LYS B 37 -22.28 -21.83 -9.48
C LYS B 37 -21.92 -21.36 -8.09
N MET B 38 -21.57 -22.28 -7.21
CA MET B 38 -21.16 -21.85 -5.88
C MET B 38 -19.93 -20.95 -5.95
N GLY B 39 -18.96 -21.30 -6.80
CA GLY B 39 -17.76 -20.49 -6.87
C GLY B 39 -18.03 -19.09 -7.38
N ALA B 40 -18.82 -18.98 -8.45
CA ALA B 40 -19.19 -17.65 -8.95
C ALA B 40 -19.98 -16.85 -7.90
N MET B 41 -20.90 -17.49 -7.19
CA MET B 41 -21.72 -16.73 -6.25
C MET B 41 -20.96 -16.34 -4.98
N ALA B 42 -20.01 -17.16 -4.53
CA ALA B 42 -19.31 -16.80 -3.31
C ALA B 42 -18.41 -15.61 -3.61
N LYS B 43 -18.06 -14.86 -2.57
CA LYS B 43 -17.26 -13.66 -2.74
C LYS B 43 -16.12 -13.73 -1.74
N PRO B 44 -15.28 -14.75 -1.84
CA PRO B 44 -14.34 -15.03 -0.76
C PRO B 44 -13.27 -13.98 -0.67
N ASP B 45 -12.98 -13.58 0.56
CA ASP B 45 -11.77 -12.86 0.89
C ASP B 45 -10.58 -13.80 0.72
N CYS B 46 -9.44 -13.20 0.37
CA CYS B 46 -8.15 -13.87 0.27
C CYS B 46 -7.19 -13.25 1.29
N ILE B 47 -6.67 -14.05 2.21
CA ILE B 47 -5.74 -13.58 3.24
C ILE B 47 -4.35 -14.13 2.97
N ILE B 48 -3.39 -13.22 2.74
CA ILE B 48 -2.03 -13.59 2.37
C ILE B 48 -1.12 -13.22 3.53
N THR B 49 -0.31 -14.19 3.97
CA THR B 49 0.74 -13.94 4.95
C THR B 49 2.04 -14.43 4.33
N CYS B 50 3.07 -13.58 4.35
CA CYS B 50 4.34 -13.93 3.72
C CYS B 50 5.45 -13.10 4.34
N ASP B 51 6.53 -13.74 4.77
CA ASP B 51 7.68 -13.03 5.30
C ASP B 51 8.84 -12.99 4.32
N GLY B 52 8.58 -13.24 3.04
CA GLY B 52 9.62 -13.44 2.06
C GLY B 52 10.06 -14.87 1.89
N LYS B 53 9.74 -15.76 2.84
CA LYS B 53 10.04 -17.18 2.71
C LYS B 53 8.77 -18.03 2.85
N ASN B 54 8.16 -18.07 4.03
CA ASN B 54 6.95 -18.88 4.27
C ASN B 54 5.71 -18.13 3.79
N LEU B 55 4.96 -18.77 2.91
CA LEU B 55 3.72 -18.22 2.34
C LEU B 55 2.51 -19.00 2.82
N THR B 56 1.50 -18.28 3.28
CA THR B 56 0.20 -18.84 3.59
C THR B 56 -0.88 -18.07 2.85
N ILE B 57 -1.76 -18.79 2.16
CA ILE B 57 -2.89 -18.20 1.48
C ILE B 57 -4.17 -18.89 1.98
N LYS B 58 -5.09 -18.10 2.52
CA LYS B 58 -6.35 -18.55 3.05
C LYS B 58 -7.47 -17.95 2.22
N THR B 59 -8.47 -18.76 1.87
CA THR B 59 -9.65 -18.32 1.14
C THR B 59 -10.85 -18.49 2.06
N GLU B 60 -11.56 -17.38 2.33
CA GLU B 60 -12.64 -17.35 3.31
C GLU B 60 -13.93 -16.85 2.70
N SER B 61 -14.95 -17.70 2.68
CA SER B 61 -16.31 -17.27 2.37
C SER B 61 -17.22 -17.69 3.54
N THR B 62 -18.48 -17.31 3.44
CA THR B 62 -19.43 -17.69 4.49
C THR B 62 -19.47 -19.21 4.62
N LEU B 63 -19.12 -19.72 5.80
CA LEU B 63 -19.20 -21.14 6.08
C LEU B 63 -18.16 -21.97 5.31
N LYS B 64 -17.26 -21.36 4.54
CA LYS B 64 -16.30 -22.13 3.75
C LYS B 64 -14.90 -21.55 3.90
N THR B 65 -13.93 -22.38 4.29
CA THR B 65 -12.56 -21.91 4.46
C THR B 65 -11.59 -22.93 3.91
N THR B 66 -10.63 -22.49 3.08
CA THR B 66 -9.51 -23.35 2.72
C THR B 66 -8.20 -22.56 2.81
N GLN B 67 -7.11 -23.26 3.08
CA GLN B 67 -5.85 -22.55 3.21
C GLN B 67 -4.70 -23.51 2.93
N PHE B 68 -3.64 -22.98 2.33
CA PHE B 68 -2.42 -23.75 2.15
C PHE B 68 -1.21 -22.91 2.56
N SER B 69 -0.16 -23.62 2.99
CA SER B 69 1.11 -23.02 3.39
C SER B 69 2.25 -23.74 2.69
N CYS B 70 3.25 -22.96 2.29
CA CYS B 70 4.40 -23.47 1.56
C CYS B 70 5.61 -22.60 1.85
N THR B 71 6.74 -23.04 1.32
CA THR B 71 7.97 -22.27 1.26
C THR B 71 8.21 -21.87 -0.18
N LEU B 72 8.44 -20.58 -0.44
CA LEU B 72 8.69 -20.14 -1.79
C LEU B 72 9.82 -20.92 -2.43
N GLY B 73 9.62 -21.31 -3.69
CA GLY B 73 10.62 -22.03 -4.42
C GLY B 73 10.65 -23.52 -4.18
N GLU B 74 9.94 -24.01 -3.16
CA GLU B 74 9.93 -25.43 -2.85
C GLU B 74 8.60 -26.03 -3.29
N LYS B 75 8.68 -27.12 -4.07
CA LYS B 75 7.51 -27.86 -4.51
C LYS B 75 6.76 -28.44 -3.31
N PHE B 76 5.44 -28.51 -3.43
CA PHE B 76 4.61 -29.12 -2.40
C PHE B 76 3.37 -29.67 -3.08
N GLU B 77 2.53 -30.38 -2.33
CA GLU B 77 1.27 -30.83 -2.88
C GLU B 77 0.12 -29.97 -2.37
N GLU B 78 -0.77 -29.62 -3.27
CA GLU B 78 -1.95 -28.82 -2.94
C GLU B 78 -3.19 -29.70 -3.01
N THR B 79 -4.08 -29.53 -2.04
CA THR B 79 -5.43 -30.11 -2.10
C THR B 79 -6.38 -28.98 -2.42
N THR B 80 -6.73 -28.84 -3.68
CA THR B 80 -7.49 -27.67 -4.09
C THR B 80 -8.94 -27.78 -3.65
N ALA B 81 -9.61 -26.62 -3.67
CA ALA B 81 -11.00 -26.54 -3.21
C ALA B 81 -11.91 -27.43 -4.03
N ASP B 82 -11.61 -27.64 -5.30
CA ASP B 82 -12.42 -28.48 -6.17
C ASP B 82 -12.02 -29.95 -6.11
N GLY B 83 -11.01 -30.30 -5.32
CA GLY B 83 -10.64 -31.69 -5.15
C GLY B 83 -9.51 -32.22 -6.02
N ARG B 84 -8.72 -31.36 -6.66
CA ARG B 84 -7.54 -31.84 -7.35
C ARG B 84 -6.39 -32.02 -6.35
N LYS B 85 -5.50 -32.97 -6.64
CA LYS B 85 -4.25 -33.12 -5.89
C LYS B 85 -3.11 -32.71 -6.81
N THR B 86 -2.46 -31.60 -6.49
CA THR B 86 -1.51 -31.02 -7.43
C THR B 86 -0.09 -30.96 -6.87
N GLN B 87 0.84 -30.92 -7.81
CA GLN B 87 2.21 -30.54 -7.54
C GLN B 87 2.27 -29.03 -7.77
N THR B 88 2.63 -28.28 -6.74
CA THR B 88 2.58 -26.84 -6.78
C THR B 88 3.91 -26.25 -6.39
N VAL B 89 4.24 -25.14 -7.01
CA VAL B 89 5.38 -24.36 -6.58
C VAL B 89 4.95 -22.90 -6.63
N CYS B 90 5.32 -22.15 -5.60
CA CYS B 90 5.06 -20.72 -5.52
C CYS B 90 6.39 -19.96 -5.55
N ASN B 91 6.53 -19.04 -6.49
CA ASN B 91 7.72 -18.18 -6.57
C ASN B 91 7.26 -16.74 -6.76
N PHE B 92 7.99 -15.81 -6.16
CA PHE B 92 7.79 -14.40 -6.46
C PHE B 92 8.87 -14.00 -7.48
N THR B 93 8.44 -13.68 -8.69
CA THR B 93 9.33 -13.48 -9.82
C THR B 93 8.84 -12.32 -10.63
N ASP B 94 9.76 -11.44 -11.03
CA ASP B 94 9.47 -10.29 -11.87
C ASP B 94 8.25 -9.52 -11.34
N GLY B 95 8.26 -9.33 -10.02
CA GLY B 95 7.26 -8.54 -9.35
C GLY B 95 5.90 -9.17 -9.15
N ALA B 96 5.74 -10.47 -9.39
CA ALA B 96 4.44 -11.10 -9.16
C ALA B 96 4.64 -12.43 -8.48
N LEU B 97 3.67 -12.80 -7.63
CA LEU B 97 3.63 -14.13 -7.05
C LEU B 97 2.99 -15.10 -8.03
N VAL B 98 3.74 -16.13 -8.42
CA VAL B 98 3.32 -17.11 -9.42
C VAL B 98 3.13 -18.42 -8.71
N GLN B 99 1.94 -18.97 -8.83
CA GLN B 99 1.57 -20.26 -8.25
C GLN B 99 1.33 -21.20 -9.42
N HIS B 100 2.21 -22.17 -9.58
CA HIS B 100 2.15 -23.10 -10.69
C HIS B 100 1.69 -24.47 -10.20
N GLN B 101 0.66 -25.00 -10.86
CA GLN B 101 0.03 -26.27 -10.53
C GLN B 101 0.13 -27.28 -11.67
N GLU B 102 0.47 -28.52 -11.32
CA GLU B 102 0.60 -29.63 -12.27
C GLU B 102 -0.12 -30.85 -11.71
N TRP B 103 -0.98 -31.46 -12.51
CA TRP B 103 -1.63 -32.69 -12.06
C TRP B 103 -2.16 -33.43 -13.28
N ASP B 104 -1.92 -34.74 -13.32
CA ASP B 104 -2.49 -35.60 -14.37
C ASP B 104 -2.15 -35.07 -15.76
N GLY B 105 -0.91 -34.64 -15.95
CA GLY B 105 -0.47 -34.11 -17.23
C GLY B 105 -1.02 -32.73 -17.59
N LYS B 106 -1.91 -32.17 -16.78
CA LYS B 106 -2.42 -30.82 -16.98
C LYS B 106 -1.66 -29.83 -16.09
N GLU B 107 -1.87 -28.55 -16.34
CA GLU B 107 -1.22 -27.52 -15.54
C GLU B 107 -2.03 -26.24 -15.59
N SER B 108 -1.84 -25.42 -14.55
CA SER B 108 -2.52 -24.14 -14.44
C SER B 108 -1.63 -23.17 -13.68
N THR B 109 -1.73 -21.90 -14.01
CA THR B 109 -0.93 -20.92 -13.29
C THR B 109 -1.82 -19.81 -12.78
N ILE B 110 -1.63 -19.46 -11.52
CA ILE B 110 -2.33 -18.36 -10.88
C ILE B 110 -1.29 -17.31 -10.55
N THR B 111 -1.43 -16.12 -11.13
CA THR B 111 -0.50 -15.03 -10.90
C THR B 111 -1.19 -13.95 -10.07
N ARG B 112 -0.52 -13.48 -9.01
CA ARG B 112 -1.06 -12.44 -8.14
C ARG B 112 -0.07 -11.29 -8.08
N LYS B 113 -0.53 -10.09 -8.45
CA LYS B 113 0.35 -8.93 -8.43
C LYS B 113 -0.42 -7.69 -7.99
N LEU B 114 0.32 -6.72 -7.47
CA LEU B 114 -0.24 -5.43 -7.08
C LEU B 114 -0.30 -4.50 -8.29
N LYS B 115 -1.47 -3.91 -8.50
CA LYS B 115 -1.67 -2.95 -9.58
C LYS B 115 -2.58 -1.85 -9.04
N ASP B 116 -2.05 -0.64 -8.94
CA ASP B 116 -2.81 0.51 -8.44
C ASP B 116 -3.41 0.22 -7.07
N GLY B 117 -2.60 -0.38 -6.19
CA GLY B 117 -3.07 -0.70 -4.85
C GLY B 117 -4.06 -1.85 -4.76
N LYS B 118 -4.40 -2.48 -5.86
CA LYS B 118 -5.35 -3.59 -5.86
C LYS B 118 -4.60 -4.89 -6.13
N LEU B 119 -5.15 -6.00 -5.64
CA LEU B 119 -4.58 -7.32 -5.92
C LEU B 119 -5.22 -7.85 -7.20
N VAL B 120 -4.41 -8.07 -8.23
CA VAL B 120 -4.90 -8.57 -9.50
C VAL B 120 -4.48 -10.03 -9.59
N VAL B 121 -5.47 -10.91 -9.79
CA VAL B 121 -5.31 -12.36 -9.78
C VAL B 121 -5.67 -12.91 -11.15
N GLU B 122 -4.71 -13.51 -11.83
CA GLU B 122 -4.91 -14.07 -13.16
C GLU B 122 -4.81 -15.59 -13.07
N CYS B 123 -5.85 -16.30 -13.49
CA CYS B 123 -5.82 -17.76 -13.52
C CYS B 123 -5.88 -18.23 -14.97
N VAL B 124 -4.91 -19.03 -15.37
CA VAL B 124 -4.81 -19.51 -16.74
C VAL B 124 -4.71 -21.03 -16.75
N MET B 125 -5.39 -21.64 -17.71
CA MET B 125 -5.20 -23.06 -18.02
C MET B 125 -5.49 -23.28 -19.50
N ASN B 126 -4.54 -23.89 -20.19
CA ASN B 126 -4.58 -24.10 -21.65
C ASN B 126 -4.75 -22.74 -22.30
N ASN B 127 -5.86 -22.45 -22.97
CA ASN B 127 -6.06 -21.16 -23.60
C ASN B 127 -7.18 -20.37 -22.91
N VAL B 128 -7.42 -20.63 -21.63
CA VAL B 128 -8.48 -19.98 -20.88
C VAL B 128 -7.87 -19.06 -19.82
N THR B 129 -8.31 -17.80 -19.82
CA THR B 129 -7.80 -16.84 -18.85
C THR B 129 -8.95 -16.20 -18.10
N CYS B 130 -8.73 -16.02 -16.80
CA CYS B 130 -9.66 -15.40 -15.89
C CYS B 130 -8.93 -14.36 -15.07
N THR B 131 -9.56 -13.22 -14.83
CA THR B 131 -8.96 -12.17 -14.00
C THR B 131 -9.94 -11.77 -12.91
N ARG B 132 -9.45 -11.76 -11.67
CA ARG B 132 -10.22 -11.40 -10.49
C ARG B 132 -9.46 -10.33 -9.73
N ILE B 133 -10.17 -9.28 -9.33
CA ILE B 133 -9.56 -8.12 -8.71
C ILE B 133 -10.07 -7.99 -7.28
N TYR B 134 -9.14 -7.79 -6.35
CA TYR B 134 -9.42 -7.64 -4.92
C TYR B 134 -8.93 -6.28 -4.42
N GLU B 135 -9.69 -5.71 -3.47
CA GLU B 135 -9.33 -4.48 -2.77
C GLU B 135 -8.91 -4.82 -1.33
N LYS B 136 -7.90 -4.11 -0.84
CA LYS B 136 -7.39 -4.37 0.50
C LYS B 136 -8.41 -3.94 1.56
N VAL B 137 -8.54 -4.76 2.61
CA VAL B 137 -9.47 -4.53 3.70
C VAL B 137 -8.74 -4.13 4.96
N ALA C 5 -11.90 6.98 6.68
CA ALA C 5 -11.07 8.13 6.32
C ALA C 5 -10.13 7.80 5.18
N THR C 6 -10.13 8.67 4.18
CA THR C 6 -9.21 8.57 3.05
C THR C 6 -8.48 9.89 2.87
N VAL C 7 -7.39 9.83 2.11
CA VAL C 7 -6.58 11.02 1.87
C VAL C 7 -7.40 12.10 1.17
N GLN C 8 -8.25 11.70 0.23
CA GLN C 8 -9.07 12.68 -0.48
C GLN C 8 -9.88 13.55 0.48
N GLN C 9 -10.13 13.11 1.72
CA GLN C 9 -10.90 13.94 2.65
C GLN C 9 -10.13 15.17 3.11
N LEU C 10 -8.81 15.18 2.98
CA LEU C 10 -8.03 16.34 3.36
C LEU C 10 -8.02 17.41 2.27
N GLU C 11 -8.52 17.10 1.09
CA GLU C 11 -8.44 18.04 -0.02
C GLU C 11 -9.25 19.30 0.31
N GLY C 12 -8.73 20.45 -0.13
CA GLY C 12 -9.42 21.71 0.10
C GLY C 12 -8.48 22.74 0.67
N ARG C 13 -9.08 23.87 1.08
CA ARG C 13 -8.38 25.01 1.66
C ARG C 13 -8.61 25.07 3.17
N TRP C 14 -7.52 25.19 3.92
CA TRP C 14 -7.55 25.17 5.37
C TRP C 14 -6.90 26.43 5.94
N ARG C 15 -7.53 27.01 6.96
CA ARG C 15 -7.10 28.26 7.56
C ARG C 15 -6.63 28.02 8.99
N LEU C 16 -5.46 28.56 9.33
CA LEU C 16 -4.91 28.31 10.66
C LEU C 16 -5.76 28.98 11.74
N VAL C 17 -6.20 28.20 12.73
CA VAL C 17 -6.97 28.74 13.84
C VAL C 17 -6.24 28.62 15.18
N ASP C 18 -5.25 27.73 15.32
CA ASP C 18 -4.53 27.63 16.57
C ASP C 18 -3.16 27.00 16.34
N SER C 19 -2.23 27.31 17.22
CA SER C 19 -0.86 26.82 17.11
C SER C 19 -0.26 26.72 18.49
N LYS C 20 0.48 25.64 18.73
CA LYS C 20 1.19 25.38 19.99
C LYS C 20 2.52 24.72 19.67
N GLY C 21 3.59 25.22 20.29
CA GLY C 21 4.91 24.64 20.11
C GLY C 21 5.59 24.90 18.77
N PHE C 22 5.08 25.82 17.95
CA PHE C 22 5.69 26.04 16.64
C PHE C 22 7.06 26.70 16.75
N ASP C 23 7.22 27.68 17.64
CA ASP C 23 8.54 28.29 17.82
C ASP C 23 9.55 27.27 18.30
N GLU C 24 9.14 26.37 19.20
CA GLU C 24 10.06 25.37 19.69
C GLU C 24 10.44 24.39 18.58
N TYR C 25 9.48 24.06 17.73
CA TYR C 25 9.75 23.15 16.63
C TYR C 25 10.71 23.79 15.63
N MET C 26 10.45 25.04 15.25
CA MET C 26 11.37 25.73 14.34
C MET C 26 12.75 25.81 14.96
N LYS C 27 12.82 26.10 16.26
CA LYS C 27 14.12 26.12 16.92
C LYS C 27 14.84 24.78 16.76
N GLU C 28 14.11 23.68 16.95
CA GLU C 28 14.71 22.34 16.82
C GLU C 28 15.23 22.09 15.40
N LEU C 29 14.53 22.61 14.39
CA LEU C 29 14.91 22.48 12.99
C LEU C 29 16.17 23.25 12.63
N GLY C 30 16.63 24.16 13.48
CA GLY C 30 17.75 25.02 13.19
C GLY C 30 17.39 26.35 12.59
N VAL C 31 16.13 26.76 12.67
CA VAL C 31 15.67 28.01 12.09
C VAL C 31 16.08 29.17 13.00
N GLY C 32 16.60 30.24 12.39
CA GLY C 32 16.98 31.40 13.16
C GLY C 32 15.79 32.15 13.74
N ILE C 33 16.08 32.97 14.75
CA ILE C 33 15.01 33.65 15.47
C ILE C 33 14.21 34.55 14.55
N ALA C 34 14.86 35.16 13.56
CA ALA C 34 14.18 36.07 12.64
C ALA C 34 13.11 35.35 11.82
N LEU C 35 13.50 34.24 11.19
CA LEU C 35 12.51 33.43 10.49
C LEU C 35 11.48 32.85 11.46
N ARG C 36 11.87 32.57 12.71
CA ARG C 36 10.90 32.09 13.69
C ARG C 36 9.82 33.14 13.93
N LYS C 37 10.23 34.38 14.18
CA LYS C 37 9.23 35.42 14.33
C LYS C 37 8.35 35.53 13.08
N MET C 38 8.98 35.50 11.89
CA MET C 38 8.19 35.56 10.65
C MET C 38 7.16 34.44 10.61
N GLY C 39 7.57 33.22 10.93
CA GLY C 39 6.66 32.07 10.87
C GLY C 39 5.58 32.11 11.95
N ALA C 40 5.96 32.49 13.17
CA ALA C 40 4.99 32.63 14.25
C ALA C 40 3.93 33.66 13.90
N MET C 41 4.32 34.77 13.26
CA MET C 41 3.33 35.79 12.92
C MET C 41 2.44 35.36 11.75
N ALA C 42 2.95 34.53 10.86
CA ALA C 42 2.19 34.18 9.67
C ALA C 42 0.99 33.30 10.05
N LYS C 43 -0.07 33.44 9.28
CA LYS C 43 -1.29 32.67 9.47
C LYS C 43 -1.61 32.01 8.14
N PRO C 44 -0.72 31.14 7.64
CA PRO C 44 -0.83 30.71 6.25
C PRO C 44 -1.96 29.73 6.07
N ASP C 45 -2.71 29.89 4.98
CA ASP C 45 -3.59 28.84 4.54
C ASP C 45 -2.76 27.66 4.04
N CYS C 46 -3.31 26.46 4.22
CA CYS C 46 -2.78 25.23 3.65
C CYS C 46 -3.81 24.67 2.68
N ILE C 47 -3.42 24.57 1.41
CA ILE C 47 -4.28 24.05 0.36
C ILE C 47 -3.75 22.68 -0.07
N ILE C 48 -4.56 21.65 0.09
CA ILE C 48 -4.20 20.27 -0.21
C ILE C 48 -4.97 19.80 -1.44
N THR C 49 -4.26 19.22 -2.39
CA THR C 49 -4.87 18.59 -3.57
C THR C 49 -4.40 17.14 -3.59
N CYS C 50 -5.33 16.20 -3.74
CA CYS C 50 -4.97 14.79 -3.73
C CYS C 50 -6.05 13.97 -4.43
N ASP C 51 -5.65 13.18 -5.42
CA ASP C 51 -6.53 12.24 -6.08
C ASP C 51 -6.30 10.80 -5.60
N GLY C 52 -5.69 10.61 -4.43
CA GLY C 52 -5.35 9.28 -3.93
C GLY C 52 -4.00 8.76 -4.37
N LYS C 53 -3.42 9.33 -5.43
CA LYS C 53 -2.05 9.01 -5.82
C LYS C 53 -1.17 10.25 -5.75
N ASN C 54 -1.53 11.32 -6.45
CA ASN C 54 -0.71 12.52 -6.52
C ASN C 54 -1.13 13.50 -5.43
N LEU C 55 -0.16 13.90 -4.62
CA LEU C 55 -0.36 14.84 -3.53
C LEU C 55 0.33 16.16 -3.84
N THR C 56 -0.40 17.26 -3.71
CA THR C 56 0.14 18.61 -3.79
C THR C 56 -0.25 19.35 -2.53
N ILE C 57 0.72 19.95 -1.84
CA ILE C 57 0.45 20.78 -0.67
C ILE C 57 1.05 22.16 -0.90
N LYS C 58 0.22 23.18 -0.76
CA LYS C 58 0.63 24.58 -0.88
C LYS C 58 0.41 25.31 0.43
N THR C 59 1.43 26.09 0.82
CA THR C 59 1.43 26.96 1.99
C THR C 59 1.38 28.38 1.46
N GLU C 60 0.33 29.14 1.84
CA GLU C 60 0.07 30.46 1.28
C GLU C 60 -0.12 31.49 2.39
N SER C 61 0.80 32.46 2.45
CA SER C 61 0.69 33.62 3.32
C SER C 61 0.74 34.88 2.50
N THR C 62 0.52 36.01 3.17
CA THR C 62 0.61 37.28 2.46
C THR C 62 2.01 37.43 1.89
N LEU C 63 2.07 37.56 0.57
CA LEU C 63 3.31 37.80 -0.15
C LEU C 63 4.27 36.60 -0.13
N LYS C 64 3.92 35.48 0.50
CA LYS C 64 4.83 34.33 0.51
C LYS C 64 4.06 33.06 0.16
N THR C 65 4.59 32.29 -0.79
CA THR C 65 3.93 31.06 -1.21
C THR C 65 4.96 29.98 -1.46
N THR C 66 4.74 28.78 -0.90
CA THR C 66 5.57 27.63 -1.28
C THR C 66 4.66 26.45 -1.53
N GLN C 67 5.11 25.53 -2.37
CA GLN C 67 4.30 24.40 -2.79
C GLN C 67 5.17 23.24 -3.21
N PHE C 68 4.75 22.01 -2.88
CA PHE C 68 5.41 20.83 -3.40
C PHE C 68 4.38 19.81 -3.88
N SER C 69 4.81 18.99 -4.83
CA SER C 69 4.01 17.90 -5.36
C SER C 69 4.83 16.63 -5.33
N CYS C 70 4.15 15.52 -5.08
CA CYS C 70 4.80 14.22 -5.00
C CYS C 70 3.80 13.14 -5.33
N THR C 71 4.30 11.91 -5.42
CA THR C 71 3.48 10.71 -5.49
C THR C 71 3.54 10.02 -4.13
N LEU C 72 2.37 9.65 -3.61
CA LEU C 72 2.32 8.95 -2.35
C LEU C 72 3.17 7.69 -2.39
N GLY C 73 3.94 7.46 -1.32
CA GLY C 73 4.81 6.31 -1.23
C GLY C 73 6.16 6.46 -1.89
N GLU C 74 6.38 7.48 -2.72
CA GLU C 74 7.61 7.62 -3.47
C GLU C 74 8.48 8.72 -2.87
N LYS C 75 9.74 8.37 -2.58
CA LYS C 75 10.70 9.34 -2.06
C LYS C 75 10.96 10.44 -3.06
N PHE C 76 11.15 11.66 -2.54
CA PHE C 76 11.48 12.81 -3.38
C PHE C 76 12.28 13.76 -2.53
N GLU C 77 12.79 14.82 -3.15
CA GLU C 77 13.49 15.84 -2.39
C GLU C 77 12.56 17.03 -2.18
N GLU C 78 12.61 17.58 -0.99
CA GLU C 78 11.85 18.76 -0.64
C GLU C 78 12.85 19.90 -0.48
N THR C 79 12.49 21.09 -0.96
CA THR C 79 13.22 22.31 -0.66
C THR C 79 12.36 23.12 0.30
N THR C 80 12.67 23.07 1.60
CA THR C 80 11.72 23.59 2.57
C THR C 80 11.77 25.13 2.65
N ALA C 81 10.76 25.72 3.28
CA ALA C 81 10.73 27.18 3.36
C ALA C 81 11.92 27.73 4.15
N ASP C 82 12.38 26.99 5.16
CA ASP C 82 13.57 27.43 5.89
C ASP C 82 14.87 27.05 5.18
N GLY C 83 14.79 26.45 3.99
CA GLY C 83 15.98 26.17 3.22
C GLY C 83 16.70 24.88 3.53
N ARG C 84 16.02 23.87 4.05
CA ARG C 84 16.59 22.53 4.10
C ARG C 84 16.31 21.81 2.79
N LYS C 85 17.24 20.96 2.39
CA LYS C 85 17.01 20.04 1.28
C LYS C 85 16.80 18.67 1.92
N THR C 86 15.58 18.15 1.88
CA THR C 86 15.26 16.93 2.59
C THR C 86 14.90 15.81 1.62
N GLN C 87 15.10 14.58 2.08
CA GLN C 87 14.53 13.40 1.46
C GLN C 87 13.20 13.15 2.17
N THR C 88 12.12 13.21 1.42
CA THR C 88 10.79 13.21 1.98
C THR C 88 9.98 12.09 1.36
N VAL C 89 9.10 11.52 2.17
CA VAL C 89 8.11 10.58 1.69
C VAL C 89 6.78 10.87 2.38
N CYS C 90 5.72 10.91 1.60
CA CYS C 90 4.37 11.12 2.13
C CYS C 90 3.57 9.84 1.92
N ASN C 91 2.96 9.34 3.00
CA ASN C 91 2.11 8.15 2.96
C ASN C 91 0.81 8.43 3.71
N PHE C 92 -0.29 7.87 3.25
CA PHE C 92 -1.52 7.91 4.04
C PHE C 92 -1.66 6.59 4.78
N THR C 93 -1.53 6.64 6.10
CA THR C 93 -1.45 5.47 6.95
C THR C 93 -2.25 5.68 8.23
N ASP C 94 -3.00 4.66 8.62
CA ASP C 94 -3.79 4.66 9.85
C ASP C 94 -4.61 5.96 9.96
N GLY C 95 -5.26 6.32 8.86
CA GLY C 95 -6.15 7.46 8.88
C GLY C 95 -5.46 8.80 8.92
N ALA C 96 -4.14 8.87 8.69
CA ALA C 96 -3.43 10.14 8.72
C ALA C 96 -2.45 10.23 7.55
N LEU C 97 -2.26 11.44 7.06
CA LEU C 97 -1.20 11.72 6.11
C LEU C 97 0.10 11.95 6.89
N VAL C 98 1.11 11.13 6.62
CA VAL C 98 2.40 11.19 7.32
C VAL C 98 3.43 11.66 6.31
N GLN C 99 4.13 12.74 6.64
CA GLN C 99 5.17 13.32 5.81
C GLN C 99 6.46 13.18 6.60
N HIS C 100 7.35 12.30 6.13
CA HIS C 100 8.60 12.03 6.82
C HIS C 100 9.75 12.67 6.05
N GLN C 101 10.54 13.46 6.78
CA GLN C 101 11.68 14.23 6.27
C GLN C 101 12.96 13.73 6.89
N GLU C 102 14.01 13.62 6.05
CA GLU C 102 15.34 13.19 6.46
C GLU C 102 16.41 14.07 5.81
N TRP C 103 17.34 14.59 6.61
CA TRP C 103 18.40 15.40 6.04
C TRP C 103 19.56 15.47 7.03
N ASP C 104 20.78 15.25 6.55
CA ASP C 104 21.99 15.38 7.37
C ASP C 104 21.89 14.51 8.62
N GLY C 105 21.37 13.29 8.47
CA GLY C 105 21.22 12.42 9.61
C GLY C 105 20.17 12.81 10.62
N LYS C 106 19.40 13.87 10.36
CA LYS C 106 18.27 14.27 11.17
C LYS C 106 16.97 13.85 10.51
N GLU C 107 15.88 13.89 11.28
CA GLU C 107 14.57 13.53 10.73
C GLU C 107 13.47 14.29 11.47
N SER C 108 12.36 14.49 10.76
CA SER C 108 11.20 15.15 11.31
C SER C 108 9.96 14.55 10.68
N THR C 109 8.86 14.50 11.44
CA THR C 109 7.62 13.95 10.90
C THR C 109 6.48 14.94 11.08
N ILE C 110 5.74 15.16 10.01
CA ILE C 110 4.55 16.01 10.00
C ILE C 110 3.35 15.13 9.71
N THR C 111 2.43 15.01 10.68
CA THR C 111 1.20 14.23 10.55
C THR C 111 -0.02 15.14 10.47
N ARG C 112 -0.86 14.91 9.47
CA ARG C 112 -2.08 15.68 9.24
C ARG C 112 -3.25 14.72 9.25
N LYS C 113 -4.24 14.97 10.11
CA LYS C 113 -5.40 14.10 10.17
C LYS C 113 -6.65 14.92 10.43
N LEU C 114 -7.79 14.36 10.01
CA LEU C 114 -9.09 15.00 10.23
C LEU C 114 -9.62 14.63 11.61
N LYS C 115 -9.99 15.65 12.39
CA LYS C 115 -10.53 15.46 13.74
C LYS C 115 -11.62 16.48 14.00
N ASP C 116 -12.86 15.99 14.19
CA ASP C 116 -13.99 16.88 14.48
C ASP C 116 -14.13 17.96 13.42
N GLY C 117 -14.01 17.56 12.17
CA GLY C 117 -14.10 18.47 11.05
C GLY C 117 -12.93 19.42 10.88
N LYS C 118 -11.91 19.38 11.76
CA LYS C 118 -10.76 20.25 11.64
C LYS C 118 -9.49 19.48 11.26
N LEU C 119 -8.57 20.17 10.58
CA LEU C 119 -7.29 19.59 10.17
C LEU C 119 -6.29 19.75 11.30
N VAL C 120 -5.82 18.64 11.85
CA VAL C 120 -4.86 18.65 12.94
C VAL C 120 -3.48 18.27 12.39
N VAL C 121 -2.51 19.15 12.60
CA VAL C 121 -1.17 19.04 12.05
C VAL C 121 -0.18 18.96 13.20
N GLU C 122 0.46 17.81 13.35
CA GLU C 122 1.41 17.53 14.40
C GLU C 122 2.79 17.48 13.77
N CYS C 123 3.71 18.31 14.23
CA CYS C 123 5.08 18.29 13.74
C CYS C 123 5.99 17.90 14.87
N VAL C 124 6.77 16.83 14.68
CA VAL C 124 7.65 16.33 15.72
C VAL C 124 9.07 16.27 15.19
N MET C 125 10.03 16.64 16.05
CA MET C 125 11.43 16.40 15.78
C MET C 125 12.15 16.13 17.10
N ASN C 126 12.86 14.99 17.15
CA ASN C 126 13.48 14.57 18.39
C ASN C 126 12.42 14.50 19.49
N ASN C 127 12.60 15.22 20.59
CA ASN C 127 11.63 15.20 21.67
C ASN C 127 10.78 16.46 21.71
N VAL C 128 10.61 17.12 20.56
CA VAL C 128 9.83 18.36 20.48
C VAL C 128 8.59 18.09 19.65
N THR C 129 7.45 18.53 20.16
CA THR C 129 6.18 18.36 19.47
C THR C 129 5.45 19.69 19.31
N CYS C 130 4.82 19.85 18.16
CA CYS C 130 4.03 21.03 17.82
C CYS C 130 2.71 20.58 17.22
N THR C 131 1.64 21.31 17.56
CA THR C 131 0.32 21.03 17.01
C THR C 131 -0.30 22.33 16.51
N ARG C 132 -0.80 22.31 15.28
CA ARG C 132 -1.45 23.43 14.62
C ARG C 132 -2.77 22.93 14.07
N ILE C 133 -3.84 23.71 14.26
CA ILE C 133 -5.18 23.29 13.86
C ILE C 133 -5.67 24.25 12.79
N TYR C 134 -6.28 23.70 11.74
CA TYR C 134 -6.88 24.46 10.65
C TYR C 134 -8.37 24.14 10.54
N GLU C 135 -9.14 25.16 10.15
CA GLU C 135 -10.56 24.99 9.83
C GLU C 135 -10.74 25.03 8.33
N LYS C 136 -11.65 24.19 7.83
CA LYS C 136 -11.86 24.11 6.40
C LYS C 136 -12.46 25.42 5.93
N VAL C 137 -11.96 25.94 4.81
CA VAL C 137 -12.40 27.23 4.30
C VAL C 137 -13.52 27.03 3.31
N GLU C 138 -14.60 27.80 3.53
CA GLU C 138 -15.81 27.92 2.71
C GLU C 138 -15.81 27.23 1.35
N ALA D 5 13.08 -3.83 -16.39
CA ALA D 5 13.58 -3.57 -17.74
C ALA D 5 12.99 -2.28 -18.32
N THR D 6 13.44 -1.95 -19.54
CA THR D 6 12.94 -0.80 -20.27
C THR D 6 12.43 -1.24 -21.64
N VAL D 7 11.60 -0.39 -22.24
CA VAL D 7 11.03 -0.74 -23.53
C VAL D 7 12.14 -0.89 -24.58
N GLN D 8 13.21 -0.11 -24.49
CA GLN D 8 14.27 -0.18 -25.50
C GLN D 8 14.85 -1.59 -25.62
N GLN D 9 14.78 -2.39 -24.55
CA GLN D 9 15.37 -3.73 -24.59
C GLN D 9 14.60 -4.68 -25.50
N LEU D 10 13.35 -4.36 -25.84
CA LEU D 10 12.59 -5.19 -26.76
C LEU D 10 12.98 -4.96 -28.21
N GLU D 11 13.78 -3.93 -28.48
CA GLU D 11 14.14 -3.61 -29.85
C GLU D 11 14.95 -4.74 -30.47
N GLY D 12 14.76 -4.95 -31.78
CA GLY D 12 15.48 -5.93 -32.56
C GLY D 12 14.56 -6.82 -33.37
N ARG D 13 15.16 -7.83 -33.99
CA ARG D 13 14.44 -8.79 -34.82
C ARG D 13 14.23 -10.07 -34.04
N TRP D 14 12.98 -10.51 -33.96
CA TRP D 14 12.56 -11.66 -33.18
C TRP D 14 11.92 -12.68 -34.10
N ARG D 15 12.28 -13.95 -33.91
CA ARG D 15 11.84 -15.06 -34.75
C ARG D 15 10.95 -15.99 -33.94
N LEU D 16 9.83 -16.39 -34.52
CA LEU D 16 8.89 -17.23 -33.79
C LEU D 16 9.45 -18.62 -33.53
N VAL D 17 9.44 -19.04 -32.26
CA VAL D 17 9.86 -20.37 -31.87
C VAL D 17 8.74 -21.19 -31.22
N ASP D 18 7.67 -20.58 -30.70
CA ASP D 18 6.60 -21.37 -30.11
C ASP D 18 5.29 -20.60 -30.12
N SER D 19 4.19 -21.34 -30.16
CA SER D 19 2.86 -20.72 -30.23
C SER D 19 1.85 -21.66 -29.61
N LYS D 20 0.99 -21.11 -28.76
CA LYS D 20 -0.04 -21.87 -28.07
C LYS D 20 -1.32 -21.06 -28.07
N GLY D 21 -2.42 -21.64 -28.55
CA GLY D 21 -3.70 -20.99 -28.47
C GLY D 21 -3.92 -19.88 -29.48
N PHE D 22 -3.07 -19.78 -30.50
CA PHE D 22 -3.23 -18.73 -31.52
C PHE D 22 -4.47 -18.95 -32.38
N ASP D 23 -4.75 -20.20 -32.76
CA ASP D 23 -5.96 -20.42 -33.54
C ASP D 23 -7.19 -20.00 -32.76
N GLU D 24 -7.26 -20.37 -31.48
CA GLU D 24 -8.42 -19.98 -30.69
C GLU D 24 -8.49 -18.47 -30.53
N TYR D 25 -7.36 -17.82 -30.29
CA TYR D 25 -7.39 -16.36 -30.19
C TYR D 25 -7.94 -15.74 -31.47
N MET D 26 -7.44 -16.16 -32.64
CA MET D 26 -7.93 -15.61 -33.88
C MET D 26 -9.42 -15.88 -34.07
N LYS D 27 -9.86 -17.08 -33.69
CA LYS D 27 -11.28 -17.40 -33.71
C LYS D 27 -12.07 -16.42 -32.86
N GLU D 28 -11.53 -16.07 -31.69
CA GLU D 28 -12.17 -15.07 -30.85
C GLU D 28 -12.21 -13.70 -31.53
N LEU D 29 -11.19 -13.37 -32.32
CA LEU D 29 -11.19 -12.11 -33.03
C LEU D 29 -12.22 -12.05 -34.15
N GLY D 30 -12.77 -13.18 -34.55
CA GLY D 30 -13.65 -13.22 -35.69
C GLY D 30 -12.96 -13.51 -37.01
N VAL D 31 -11.75 -14.04 -36.97
CA VAL D 31 -10.98 -14.31 -38.19
C VAL D 31 -11.52 -15.58 -38.86
N GLY D 32 -11.73 -15.49 -40.17
CA GLY D 32 -12.20 -16.64 -40.92
C GLY D 32 -11.16 -17.75 -40.98
N ILE D 33 -11.65 -18.94 -41.32
CA ILE D 33 -10.80 -20.14 -41.27
C ILE D 33 -9.63 -20.04 -42.24
N ALA D 34 -9.84 -19.42 -43.41
CA ALA D 34 -8.75 -19.32 -44.37
C ALA D 34 -7.60 -18.51 -43.79
N LEU D 35 -7.91 -17.31 -43.29
CA LEU D 35 -6.88 -16.48 -42.68
C LEU D 35 -6.30 -17.14 -41.44
N ARG D 36 -7.11 -17.90 -40.69
CA ARG D 36 -6.56 -18.58 -39.52
C ARG D 36 -5.52 -19.62 -39.93
N LYS D 37 -5.80 -20.38 -40.99
CA LYS D 37 -4.82 -21.35 -41.47
C LYS D 37 -3.53 -20.66 -41.90
N MET D 38 -3.64 -19.62 -42.74
CA MET D 38 -2.46 -18.83 -43.06
C MET D 38 -1.72 -18.37 -41.81
N GLY D 39 -2.46 -17.90 -40.81
CA GLY D 39 -1.83 -17.39 -39.61
C GLY D 39 -1.08 -18.45 -38.82
N ALA D 40 -1.68 -19.62 -38.67
CA ALA D 40 -0.98 -20.74 -38.04
C ALA D 40 0.25 -21.18 -38.83
N MET D 41 0.13 -21.26 -40.16
CA MET D 41 1.25 -21.74 -40.95
C MET D 41 2.37 -20.70 -41.01
N ALA D 42 2.02 -19.43 -40.93
CA ALA D 42 3.04 -18.40 -41.02
C ALA D 42 3.89 -18.41 -39.76
N LYS D 43 5.18 -18.19 -39.92
CA LYS D 43 6.10 -18.10 -38.78
C LYS D 43 6.83 -16.78 -38.93
N PRO D 44 6.14 -15.67 -38.66
CA PRO D 44 6.68 -14.37 -39.05
C PRO D 44 7.62 -13.86 -37.99
N ASP D 45 8.67 -13.21 -38.46
CA ASP D 45 9.48 -12.38 -37.60
C ASP D 45 8.67 -11.17 -37.17
N CYS D 46 8.98 -10.69 -35.97
CA CYS D 46 8.50 -9.44 -35.41
C CYS D 46 9.70 -8.54 -35.23
N ILE D 47 9.69 -7.36 -35.85
CA ILE D 47 10.78 -6.41 -35.74
C ILE D 47 10.30 -5.20 -34.96
N ILE D 48 10.94 -4.95 -33.82
CA ILE D 48 10.52 -3.89 -32.91
C ILE D 48 11.57 -2.80 -32.92
N THR D 49 11.13 -1.57 -33.10
CA THR D 49 12.00 -0.40 -33.04
C THR D 49 11.38 0.52 -32.01
N CYS D 50 12.14 0.87 -30.97
CA CYS D 50 11.61 1.70 -29.91
C CYS D 50 12.76 2.41 -29.22
N ASP D 51 12.59 3.73 -28.98
CA ASP D 51 13.55 4.54 -28.25
C ASP D 51 12.93 5.11 -26.97
N GLY D 52 12.03 4.35 -26.35
CA GLY D 52 11.30 4.81 -25.19
C GLY D 52 10.13 5.73 -25.47
N LYS D 53 10.09 6.37 -26.66
CA LYS D 53 9.00 7.27 -27.01
C LYS D 53 8.24 6.81 -28.26
N ASN D 54 8.89 6.75 -29.42
CA ASN D 54 8.26 6.32 -30.66
C ASN D 54 8.47 4.83 -30.85
N LEU D 55 7.35 4.11 -31.04
CA LEU D 55 7.31 2.67 -31.23
C LEU D 55 6.86 2.31 -32.64
N THR D 56 7.59 1.39 -33.28
CA THR D 56 7.23 0.78 -34.56
C THR D 56 7.33 -0.74 -34.43
N ILE D 57 6.29 -1.44 -34.86
CA ILE D 57 6.29 -2.90 -34.87
C ILE D 57 5.96 -3.38 -36.29
N LYS D 58 6.84 -4.21 -36.84
CA LYS D 58 6.69 -4.77 -38.17
C LYS D 58 6.54 -6.27 -38.03
N THR D 59 5.58 -6.84 -38.74
CA THR D 59 5.36 -8.27 -38.80
C THR D 59 5.72 -8.69 -40.22
N GLU D 60 6.67 -9.63 -40.35
CA GLU D 60 7.26 -9.99 -41.62
C GLU D 60 7.19 -11.49 -41.86
N SER D 61 6.45 -11.90 -42.88
CA SER D 61 6.56 -13.27 -43.34
C SER D 61 7.02 -13.23 -44.79
N THR D 62 7.25 -14.41 -45.35
CA THR D 62 7.62 -14.45 -46.75
C THR D 62 6.49 -13.82 -47.58
N LEU D 63 6.80 -12.75 -48.31
CA LEU D 63 5.83 -12.14 -49.18
C LEU D 63 4.75 -11.34 -48.44
N LYS D 64 4.76 -11.23 -47.11
CA LYS D 64 3.66 -10.52 -46.45
C LYS D 64 4.22 -9.66 -45.33
N THR D 65 3.85 -8.40 -45.29
CA THR D 65 4.43 -7.48 -44.31
C THR D 65 3.36 -6.52 -43.82
N THR D 66 3.25 -6.33 -42.50
CA THR D 66 2.43 -5.25 -41.95
C THR D 66 3.21 -4.53 -40.87
N GLN D 67 2.91 -3.25 -40.67
CA GLN D 67 3.71 -2.44 -39.75
C GLN D 67 2.86 -1.30 -39.23
N PHE D 68 3.02 -0.97 -37.95
CA PHE D 68 2.39 0.22 -37.38
C PHE D 68 3.40 1.01 -36.55
N SER D 69 3.15 2.33 -36.50
CA SER D 69 3.96 3.25 -35.72
C SER D 69 3.09 4.16 -34.87
N CYS D 70 3.55 4.44 -33.67
CA CYS D 70 2.80 5.26 -32.73
C CYS D 70 3.77 5.90 -31.74
N THR D 71 3.21 6.78 -30.92
CA THR D 71 3.86 7.36 -29.78
C THR D 71 3.29 6.69 -28.54
N LEU D 72 4.16 6.19 -27.65
CA LEU D 72 3.67 5.51 -26.46
C LEU D 72 2.73 6.43 -25.69
N GLY D 73 1.63 5.87 -25.22
CA GLY D 73 0.65 6.61 -24.43
C GLY D 73 -0.38 7.37 -25.24
N GLU D 74 -0.20 7.44 -26.55
CA GLU D 74 -1.09 8.19 -27.43
C GLU D 74 -2.01 7.23 -28.17
N LYS D 75 -3.32 7.48 -28.08
CA LYS D 75 -4.28 6.72 -28.88
C LYS D 75 -4.05 6.97 -30.37
N PHE D 76 -4.26 5.92 -31.17
CA PHE D 76 -4.16 6.03 -32.61
C PHE D 76 -5.08 4.96 -33.17
N GLU D 77 -5.23 4.94 -34.49
CA GLU D 77 -6.01 3.88 -35.10
C GLU D 77 -5.10 2.87 -35.78
N GLU D 78 -5.41 1.61 -35.60
CA GLU D 78 -4.66 0.49 -36.15
C GLU D 78 -5.50 -0.20 -37.21
N THR D 79 -4.87 -0.62 -38.31
CA THR D 79 -5.50 -1.47 -39.33
C THR D 79 -4.87 -2.86 -39.26
N THR D 80 -5.49 -3.76 -38.50
CA THR D 80 -4.85 -5.02 -38.21
C THR D 80 -4.71 -5.88 -39.47
N ALA D 81 -3.81 -6.88 -39.39
CA ALA D 81 -3.62 -7.81 -40.49
C ALA D 81 -4.93 -8.45 -40.94
N ASP D 82 -5.83 -8.71 -40.00
CA ASP D 82 -7.08 -9.35 -40.37
C ASP D 82 -8.14 -8.35 -40.84
N GLY D 83 -7.77 -7.07 -40.93
CA GLY D 83 -8.70 -6.05 -41.38
C GLY D 83 -9.63 -5.48 -40.34
N ARG D 84 -9.20 -5.36 -39.09
CA ARG D 84 -9.98 -4.57 -38.12
C ARG D 84 -9.48 -3.14 -38.11
N LYS D 85 -10.38 -2.23 -37.77
CA LYS D 85 -10.05 -0.83 -37.52
C LYS D 85 -10.19 -0.63 -36.02
N THR D 86 -9.07 -0.45 -35.33
CA THR D 86 -9.11 -0.35 -33.88
C THR D 86 -8.61 1.01 -33.41
N GLN D 87 -9.09 1.37 -32.23
CA GLN D 87 -8.49 2.42 -31.43
C GLN D 87 -7.48 1.70 -30.55
N THR D 88 -6.22 2.08 -30.67
CA THR D 88 -5.12 1.39 -30.01
C THR D 88 -4.31 2.34 -29.17
N VAL D 89 -3.78 1.79 -28.08
CA VAL D 89 -2.87 2.48 -27.17
C VAL D 89 -1.74 1.54 -26.82
N CYS D 90 -0.49 2.01 -26.92
CA CYS D 90 0.66 1.24 -26.49
C CYS D 90 1.35 1.98 -25.33
N ASN D 91 1.52 1.28 -24.20
CA ASN D 91 2.19 1.83 -23.03
C ASN D 91 3.19 0.82 -22.52
N PHE D 92 4.30 1.31 -21.98
CA PHE D 92 5.22 0.44 -21.25
C PHE D 92 4.90 0.59 -19.75
N THR D 93 4.41 -0.50 -19.15
CA THR D 93 3.91 -0.48 -17.79
C THR D 93 4.40 -1.71 -17.07
N ASP D 94 4.95 -1.50 -15.87
CA ASP D 94 5.44 -2.56 -15.00
C ASP D 94 6.27 -3.59 -15.76
N GLY D 95 7.20 -3.08 -16.55
CA GLY D 95 8.15 -3.91 -17.25
C GLY D 95 7.64 -4.65 -18.47
N ALA D 96 6.46 -4.30 -18.98
CA ALA D 96 5.94 -4.96 -20.18
C ALA D 96 5.37 -3.92 -21.11
N LEU D 97 5.50 -4.17 -22.41
CA LEU D 97 4.82 -3.37 -23.42
C LEU D 97 3.40 -3.88 -23.59
N VAL D 98 2.43 -3.01 -23.36
CA VAL D 98 1.00 -3.34 -23.38
C VAL D 98 0.34 -2.61 -24.54
N GLN D 99 -0.26 -3.38 -25.43
CA GLN D 99 -0.92 -2.86 -26.62
C GLN D 99 -2.40 -3.19 -26.50
N HIS D 100 -3.22 -2.18 -26.29
CA HIS D 100 -4.63 -2.32 -26.05
C HIS D 100 -5.42 -1.87 -27.28
N GLN D 101 -6.31 -2.75 -27.77
CA GLN D 101 -7.12 -2.52 -28.96
C GLN D 101 -8.59 -2.52 -28.60
N GLU D 102 -9.32 -1.57 -29.17
CA GLU D 102 -10.76 -1.45 -28.96
C GLU D 102 -11.45 -1.22 -30.29
N TRP D 103 -12.49 -1.99 -30.57
CA TRP D 103 -13.22 -1.82 -31.82
C TRP D 103 -14.60 -2.46 -31.67
N ASP D 104 -15.64 -1.75 -32.12
CA ASP D 104 -17.01 -2.28 -32.16
C ASP D 104 -17.45 -2.84 -30.81
N GLY D 105 -17.13 -2.13 -29.73
CA GLY D 105 -17.50 -2.61 -28.41
C GLY D 105 -16.76 -3.84 -27.91
N LYS D 106 -15.71 -4.26 -28.61
CA LYS D 106 -14.84 -5.36 -28.22
C LYS D 106 -13.45 -4.83 -27.90
N GLU D 107 -12.64 -5.65 -27.22
CA GLU D 107 -11.30 -5.21 -26.87
C GLU D 107 -10.36 -6.39 -26.80
N SER D 108 -9.06 -6.11 -27.01
CA SER D 108 -8.05 -7.14 -27.01
C SER D 108 -6.75 -6.54 -26.48
N THR D 109 -5.96 -7.36 -25.80
CA THR D 109 -4.69 -6.86 -25.27
C THR D 109 -3.56 -7.79 -25.69
N ILE D 110 -2.50 -7.19 -26.21
CA ILE D 110 -1.26 -7.89 -26.56
C ILE D 110 -0.16 -7.38 -25.66
N THR D 111 0.42 -8.28 -24.86
CA THR D 111 1.49 -7.95 -23.94
C THR D 111 2.78 -8.58 -24.40
N ARG D 112 3.86 -7.79 -24.42
CA ARG D 112 5.18 -8.26 -24.83
C ARG D 112 6.20 -7.96 -23.74
N LYS D 113 6.93 -8.98 -23.29
CA LYS D 113 7.92 -8.74 -22.24
C LYS D 113 9.07 -9.72 -22.41
N LEU D 114 10.24 -9.29 -21.91
CA LEU D 114 11.43 -10.12 -21.93
C LEU D 114 11.39 -11.12 -20.79
N LYS D 115 11.64 -12.38 -21.11
CA LYS D 115 11.68 -13.43 -20.09
C LYS D 115 12.78 -14.38 -20.50
N ASP D 116 13.85 -14.46 -19.69
CA ASP D 116 14.99 -15.33 -19.97
C ASP D 116 15.57 -15.05 -21.35
N GLY D 117 15.70 -13.77 -21.68
CA GLY D 117 16.22 -13.38 -22.98
C GLY D 117 15.30 -13.64 -24.16
N LYS D 118 14.11 -14.18 -23.94
CA LYS D 118 13.17 -14.43 -25.04
C LYS D 118 12.01 -13.44 -24.99
N LEU D 119 11.40 -13.22 -26.16
CA LEU D 119 10.24 -12.36 -26.27
C LEU D 119 8.98 -13.18 -26.01
N VAL D 120 8.24 -12.82 -24.97
CA VAL D 120 6.98 -13.48 -24.64
C VAL D 120 5.84 -12.54 -24.98
N VAL D 121 4.96 -13.01 -25.86
CA VAL D 121 3.88 -12.23 -26.44
C VAL D 121 2.59 -12.93 -26.07
N GLU D 122 1.77 -12.29 -25.23
CA GLU D 122 0.50 -12.86 -24.77
C GLU D 122 -0.63 -12.08 -25.41
N CYS D 123 -1.53 -12.77 -26.09
CA CYS D 123 -2.69 -12.15 -26.70
C CYS D 123 -3.94 -12.63 -26.00
N VAL D 124 -4.73 -11.69 -25.49
CA VAL D 124 -5.93 -12.02 -24.72
C VAL D 124 -7.13 -11.29 -25.32
N MET D 125 -8.24 -12.01 -25.40
CA MET D 125 -9.52 -11.41 -25.73
C MET D 125 -10.62 -12.21 -25.04
N ASN D 126 -11.50 -11.52 -24.30
CA ASN D 126 -12.51 -12.15 -23.46
C ASN D 126 -11.78 -13.08 -22.50
N ASN D 127 -12.04 -14.39 -22.52
CA ASN D 127 -11.36 -15.34 -21.66
C ASN D 127 -10.40 -16.23 -22.44
N VAL D 128 -9.99 -15.78 -23.62
CA VAL D 128 -9.09 -16.54 -24.48
C VAL D 128 -7.70 -15.94 -24.38
N THR D 129 -6.72 -16.79 -24.08
CA THR D 129 -5.33 -16.39 -23.98
C THR D 129 -4.45 -17.24 -24.89
N CYS D 130 -3.52 -16.57 -25.54
CA CYS D 130 -2.56 -17.19 -26.43
C CYS D 130 -1.17 -16.71 -26.04
N THR D 131 -0.19 -17.59 -26.09
CA THR D 131 1.18 -17.20 -25.79
C THR D 131 2.09 -17.61 -26.95
N ARG D 132 2.90 -16.65 -27.41
CA ARG D 132 3.84 -16.84 -28.50
C ARG D 132 5.22 -16.39 -28.05
N ILE D 133 6.22 -17.21 -28.34
CA ILE D 133 7.58 -17.01 -27.86
C ILE D 133 8.48 -16.81 -29.07
N TYR D 134 9.33 -15.79 -29.00
CA TYR D 134 10.30 -15.49 -30.05
C TYR D 134 11.71 -15.49 -29.48
N GLU D 135 12.67 -15.94 -30.28
CA GLU D 135 14.09 -15.86 -29.97
C GLU D 135 14.71 -14.71 -30.74
N LYS D 136 15.62 -14.00 -30.10
CA LYS D 136 16.27 -12.87 -30.77
C LYS D 136 17.26 -13.39 -31.81
N VAL D 137 17.21 -12.82 -33.01
CA VAL D 137 18.13 -13.20 -34.06
C VAL D 137 19.09 -12.07 -34.37
N GLU D 138 18.74 -10.84 -34.05
CA GLU D 138 19.61 -9.66 -34.18
C GLU D 138 18.85 -8.50 -33.51
N SER E 2 21.51 22.00 -28.65
CA SER E 2 20.46 21.19 -28.03
C SER E 2 21.01 19.90 -27.44
N HIS E 3 21.81 19.18 -28.23
CA HIS E 3 22.42 17.97 -27.70
C HIS E 3 23.37 18.27 -26.55
N MET E 4 23.83 19.52 -26.42
CA MET E 4 24.66 20.00 -25.31
C MET E 4 23.88 20.32 -24.03
N ALA E 5 22.56 20.35 -24.09
CA ALA E 5 21.78 21.02 -23.05
C ALA E 5 21.37 20.04 -21.97
N THR E 6 21.47 20.48 -20.71
CA THR E 6 20.95 19.76 -19.57
C THR E 6 20.10 20.70 -18.73
N VAL E 7 19.21 20.12 -17.91
CA VAL E 7 18.39 20.93 -17.00
C VAL E 7 19.27 21.67 -16.01
N GLN E 8 20.38 21.05 -15.61
CA GLN E 8 21.25 21.63 -14.59
C GLN E 8 21.91 22.91 -15.06
N GLN E 9 22.05 23.09 -16.37
CA GLN E 9 22.61 24.34 -16.88
C GLN E 9 21.66 25.51 -16.67
N LEU E 10 20.38 25.24 -16.41
CA LEU E 10 19.41 26.30 -16.10
C LEU E 10 19.48 26.73 -14.64
N GLU E 11 20.26 26.03 -13.81
CA GLU E 11 20.31 26.33 -12.38
C GLU E 11 20.97 27.67 -12.11
N GLY E 12 20.46 28.37 -11.08
CA GLY E 12 21.06 29.61 -10.65
C GLY E 12 20.03 30.69 -10.51
N ARG E 13 20.51 31.90 -10.27
CA ARG E 13 19.66 33.08 -10.09
C ARG E 13 19.69 33.89 -11.36
N TRP E 14 18.52 34.15 -11.92
CA TRP E 14 18.42 34.86 -13.18
C TRP E 14 17.63 36.13 -12.94
N ARG E 15 18.15 37.27 -13.37
CA ARG E 15 17.52 38.56 -13.14
C ARG E 15 16.89 39.04 -14.44
N LEU E 16 15.63 39.46 -14.36
CA LEU E 16 14.91 39.90 -15.54
C LEU E 16 15.59 41.12 -16.12
N VAL E 17 15.89 41.07 -17.42
CA VAL E 17 16.45 42.22 -18.12
C VAL E 17 15.59 42.69 -19.29
N ASP E 18 14.69 41.86 -19.82
CA ASP E 18 13.84 42.28 -20.94
C ASP E 18 12.58 41.46 -21.00
N SER E 19 11.52 42.08 -21.53
CA SER E 19 10.21 41.45 -21.61
C SER E 19 9.45 42.03 -22.80
N LYS E 20 8.74 41.16 -23.53
CA LYS E 20 7.84 41.57 -24.60
C LYS E 20 6.60 40.70 -24.56
N GLY E 21 5.45 41.32 -24.80
CA GLY E 21 4.19 40.59 -24.86
C GLY E 21 3.64 40.13 -23.53
N PHE E 22 4.19 40.58 -22.41
CA PHE E 22 3.72 40.13 -21.12
C PHE E 22 2.29 40.60 -20.84
N ASP E 23 1.96 41.85 -21.20
CA ASP E 23 0.61 42.34 -20.99
C ASP E 23 -0.40 41.55 -21.82
N GLU E 24 -0.10 41.40 -23.10
CA GLU E 24 -0.94 40.59 -23.98
C GLU E 24 -1.15 39.20 -23.40
N TYR E 25 -0.04 38.51 -23.07
CA TYR E 25 -0.12 37.13 -22.60
C TYR E 25 -0.97 37.03 -21.34
N MET E 26 -0.72 37.92 -20.37
CA MET E 26 -1.52 37.89 -19.15
C MET E 26 -2.98 38.14 -19.44
N LYS E 27 -3.26 39.07 -20.37
CA LYS E 27 -4.65 39.28 -20.74
C LYS E 27 -5.25 37.98 -21.28
N GLU E 28 -4.50 37.27 -22.13
CA GLU E 28 -5.02 36.00 -22.63
C GLU E 28 -5.29 35.04 -21.48
N LEU E 29 -4.46 35.09 -20.43
CA LEU E 29 -4.69 34.31 -19.23
C LEU E 29 -5.92 34.82 -18.47
N GLY E 30 -6.44 35.99 -18.83
CA GLY E 30 -7.60 36.52 -18.13
C GLY E 30 -7.32 37.43 -16.96
N VAL E 31 -6.13 38.00 -16.86
CA VAL E 31 -5.79 38.85 -15.72
C VAL E 31 -6.38 40.24 -15.91
N GLY E 32 -7.00 40.78 -14.86
CA GLY E 32 -7.58 42.11 -14.92
C GLY E 32 -6.53 43.21 -15.06
N ILE E 33 -6.98 44.40 -15.47
CA ILE E 33 -6.06 45.48 -15.80
C ILE E 33 -5.19 45.86 -14.60
N ALA E 34 -5.77 45.80 -13.39
CA ALA E 34 -5.04 46.15 -12.18
C ALA E 34 -3.88 45.19 -11.93
N LEU E 35 -4.20 43.91 -11.75
CA LEU E 35 -3.17 42.89 -11.63
C LEU E 35 -2.13 43.03 -12.74
N ARG E 36 -2.57 43.23 -13.98
CA ARG E 36 -1.63 43.37 -15.08
C ARG E 36 -0.66 44.53 -14.84
N LYS E 37 -1.15 45.63 -14.25
CA LYS E 37 -0.25 46.75 -13.96
C LYS E 37 0.77 46.38 -12.88
N MET E 38 0.32 45.74 -11.79
CA MET E 38 1.31 45.24 -10.82
C MET E 38 2.36 44.38 -11.51
N GLY E 39 1.93 43.46 -12.38
CA GLY E 39 2.89 42.57 -13.03
C GLY E 39 3.88 43.31 -13.92
N ALA E 40 3.39 44.33 -14.63
CA ALA E 40 4.31 45.18 -15.39
C ALA E 40 5.35 45.77 -14.46
N MET E 41 4.95 46.06 -13.22
CA MET E 41 5.88 46.63 -12.25
C MET E 41 6.90 45.62 -11.70
N ALA E 42 6.60 44.32 -11.72
CA ALA E 42 7.42 43.35 -11.02
C ALA E 42 8.82 43.20 -11.63
N LYS E 43 9.80 42.97 -10.75
CA LYS E 43 11.21 42.90 -11.12
C LYS E 43 11.80 41.60 -10.57
N PRO E 44 11.35 40.46 -11.09
CA PRO E 44 11.65 39.19 -10.43
C PRO E 44 12.97 38.53 -10.82
N ASP E 45 13.66 38.01 -9.81
CA ASP E 45 14.66 36.96 -10.00
C ASP E 45 13.94 35.62 -10.11
N CYS E 46 14.42 34.78 -11.01
CA CYS E 46 13.94 33.40 -11.14
C CYS E 46 15.12 32.53 -10.74
N ILE E 47 14.95 31.77 -9.65
CA ILE E 47 16.00 30.93 -9.10
C ILE E 47 15.60 29.50 -9.37
N ILE E 48 16.40 28.80 -10.18
CA ILE E 48 16.10 27.45 -10.63
C ILE E 48 17.11 26.50 -9.98
N THR E 49 16.59 25.46 -9.33
CA THR E 49 17.43 24.40 -8.78
C THR E 49 16.82 23.09 -9.27
N CYS E 50 17.68 22.11 -9.60
CA CYS E 50 17.14 20.83 -10.05
C CYS E 50 18.14 19.74 -9.66
N ASP E 51 17.84 19.03 -8.57
CA ASP E 51 18.74 18.00 -8.06
C ASP E 51 18.22 16.70 -8.63
N GLY E 52 18.89 16.24 -9.69
CA GLY E 52 18.42 15.11 -10.46
C GLY E 52 17.09 15.43 -11.08
N LYS E 53 16.04 14.74 -10.62
CA LYS E 53 14.68 14.98 -11.09
C LYS E 53 13.95 16.05 -10.29
N ASN E 54 14.52 16.53 -9.18
CA ASN E 54 13.75 17.38 -8.27
C ASN E 54 13.91 18.82 -8.73
N LEU E 55 12.85 19.38 -9.29
CA LEU E 55 12.88 20.73 -9.83
C LEU E 55 12.26 21.70 -8.82
N THR E 56 12.97 22.78 -8.56
CA THR E 56 12.45 23.87 -7.77
C THR E 56 12.59 25.16 -8.54
N ILE E 57 11.49 25.92 -8.62
CA ILE E 57 11.54 27.26 -9.19
C ILE E 57 11.01 28.24 -8.14
N LYS E 58 11.89 29.16 -7.76
CA LYS E 58 11.64 30.16 -6.75
C LYS E 58 11.70 31.52 -7.42
N THR E 59 10.70 32.36 -7.17
CA THR E 59 10.63 33.69 -7.73
C THR E 59 10.72 34.70 -6.60
N GLU E 60 11.65 35.63 -6.74
CA GLU E 60 11.92 36.63 -5.71
C GLU E 60 11.71 37.97 -6.39
N SER E 61 10.73 38.71 -5.92
CA SER E 61 10.42 40.04 -6.41
C SER E 61 10.69 41.03 -5.32
N THR E 62 10.34 42.29 -5.58
CA THR E 62 10.56 43.31 -4.57
C THR E 62 9.89 42.94 -3.26
N LEU E 63 8.65 42.48 -3.32
CA LEU E 63 7.94 42.09 -2.11
C LEU E 63 7.52 40.64 -2.09
N LYS E 64 7.20 40.05 -3.24
CA LYS E 64 6.62 38.72 -3.31
C LYS E 64 7.71 37.65 -3.52
N THR E 65 7.59 36.56 -2.78
CA THR E 65 8.40 35.36 -3.00
C THR E 65 7.45 34.19 -3.16
N THR E 66 7.67 33.40 -4.20
CA THR E 66 6.92 32.19 -4.46
C THR E 66 7.86 31.04 -4.76
N GLN E 67 7.40 29.83 -4.52
CA GLN E 67 8.25 28.69 -4.81
C GLN E 67 7.39 27.48 -5.07
N PHE E 68 7.73 26.72 -6.12
CA PHE E 68 7.10 25.40 -6.29
C PHE E 68 8.16 24.36 -6.64
N SER E 69 7.89 23.13 -6.22
CA SER E 69 8.76 22.00 -6.48
C SER E 69 7.94 20.86 -7.06
N CYS E 70 8.55 20.14 -7.99
CA CYS E 70 7.88 19.03 -8.64
C CYS E 70 8.96 18.08 -9.12
N THR E 71 8.53 16.92 -9.61
CA THR E 71 9.43 15.95 -10.22
C THR E 71 9.26 15.98 -11.73
N LEU E 72 10.37 16.13 -12.46
CA LEU E 72 10.30 16.18 -13.91
C LEU E 72 9.62 14.93 -14.44
N GLY E 73 8.72 15.11 -15.41
CA GLY E 73 8.03 14.00 -16.00
C GLY E 73 6.79 13.54 -15.24
N GLU E 74 6.57 14.00 -14.01
CA GLU E 74 5.40 13.57 -13.25
C GLU E 74 4.38 14.70 -13.22
N LYS E 75 3.21 14.43 -13.79
CA LYS E 75 2.11 15.38 -13.73
C LYS E 75 1.69 15.60 -12.29
N PHE E 76 1.23 16.80 -11.98
CA PHE E 76 0.72 17.07 -10.65
C PHE E 76 -0.43 18.05 -10.75
N GLU E 77 -1.31 18.02 -9.75
CA GLU E 77 -2.50 18.87 -9.69
C GLU E 77 -2.30 20.00 -8.70
N GLU E 78 -2.88 21.16 -9.01
CA GLU E 78 -2.88 22.28 -8.07
C GLU E 78 -4.22 23.01 -8.15
N THR E 79 -4.38 24.01 -7.29
CA THR E 79 -5.62 24.78 -7.17
C THR E 79 -5.26 26.16 -6.63
N THR E 80 -5.73 27.23 -7.31
CA THR E 80 -5.38 28.58 -6.90
C THR E 80 -6.44 29.11 -5.94
N ALA E 81 -6.48 30.44 -5.77
CA ALA E 81 -7.44 31.04 -4.86
C ALA E 81 -8.87 30.66 -5.20
N ASP E 82 -9.27 30.87 -6.45
CA ASP E 82 -10.64 30.66 -6.88
C ASP E 82 -11.01 29.17 -7.05
N GLY E 83 -10.22 28.26 -6.49
CA GLY E 83 -10.55 26.85 -6.58
C GLY E 83 -10.39 26.24 -7.95
N ARG E 84 -9.42 26.72 -8.74
CA ARG E 84 -9.18 26.21 -10.08
C ARG E 84 -8.32 24.95 -10.01
N LYS E 85 -8.80 23.87 -10.61
CA LYS E 85 -8.10 22.59 -10.60
C LYS E 85 -7.22 22.48 -11.84
N THR E 86 -5.90 22.56 -11.66
CA THR E 86 -4.96 22.59 -12.77
C THR E 86 -4.14 21.31 -12.84
N GLN E 87 -3.84 20.91 -14.08
CA GLN E 87 -2.90 19.86 -14.41
C GLN E 87 -1.59 20.47 -14.94
N THR E 88 -0.47 20.20 -14.28
CA THR E 88 0.80 20.76 -14.70
C THR E 88 1.81 19.61 -14.88
N VAL E 89 2.69 19.73 -15.88
CA VAL E 89 3.80 18.79 -16.02
C VAL E 89 5.05 19.54 -16.48
N CYS E 90 6.18 19.24 -15.84
CA CYS E 90 7.47 19.81 -16.22
C CYS E 90 8.38 18.70 -16.77
N ASN E 91 8.88 18.91 -17.98
CA ASN E 91 9.78 17.99 -18.66
C ASN E 91 10.95 18.76 -19.22
N PHE E 92 12.12 18.17 -19.22
CA PHE E 92 13.25 18.74 -19.96
C PHE E 92 13.33 18.01 -21.28
N THR E 93 12.97 18.68 -22.36
CA THR E 93 12.84 18.04 -23.66
C THR E 93 13.44 18.94 -24.73
N ASP E 94 14.20 18.31 -25.64
CA ASP E 94 14.78 18.99 -26.78
C ASP E 94 15.49 20.28 -26.37
N GLY E 95 16.31 20.17 -25.32
CA GLY E 95 17.14 21.26 -24.87
C GLY E 95 16.43 22.37 -24.11
N ALA E 96 15.17 22.18 -23.70
CA ALA E 96 14.46 23.20 -22.95
C ALA E 96 13.63 22.60 -21.82
N LEU E 97 13.50 23.35 -20.73
CA LEU E 97 12.55 23.01 -19.68
C LEU E 97 11.18 23.45 -20.14
N VAL E 98 10.24 22.51 -20.21
CA VAL E 98 8.90 22.76 -20.74
C VAL E 98 7.90 22.52 -19.62
N GLN E 99 7.09 23.53 -19.34
CA GLN E 99 6.07 23.48 -18.30
C GLN E 99 4.71 23.65 -18.97
N HIS E 100 3.92 22.57 -18.98
CA HIS E 100 2.63 22.55 -19.64
C HIS E 100 1.52 22.57 -18.60
N GLN E 101 0.62 23.54 -18.74
CA GLN E 101 -0.49 23.73 -17.81
C GLN E 101 -1.83 23.65 -18.53
N GLU E 102 -2.79 22.96 -17.92
CA GLU E 102 -4.11 22.77 -18.48
C GLU E 102 -5.15 23.00 -17.38
N TRP E 103 -6.13 23.85 -17.68
CA TRP E 103 -7.19 24.13 -16.71
C TRP E 103 -8.40 24.70 -17.43
N ASP E 104 -9.59 24.21 -17.06
CA ASP E 104 -10.87 24.77 -17.52
C ASP E 104 -10.95 24.86 -19.04
N GLY E 105 -10.53 23.80 -19.72
CA GLY E 105 -10.51 23.76 -21.17
C GLY E 105 -9.47 24.63 -21.85
N LYS E 106 -8.57 25.25 -21.09
CA LYS E 106 -7.49 26.06 -21.61
C LYS E 106 -6.16 25.37 -21.37
N GLU E 107 -5.17 25.72 -22.18
CA GLU E 107 -3.80 25.29 -21.90
C GLU E 107 -2.82 26.42 -22.22
N SER E 108 -1.68 26.36 -21.54
CA SER E 108 -0.59 27.31 -21.67
C SER E 108 0.73 26.56 -21.54
N THR E 109 1.74 27.02 -22.27
CA THR E 109 3.06 26.39 -22.24
C THR E 109 4.12 27.44 -21.97
N ILE E 110 4.96 27.18 -20.96
CA ILE E 110 6.11 28.03 -20.65
C ILE E 110 7.36 27.20 -20.87
N THR E 111 8.21 27.61 -21.80
CA THR E 111 9.46 26.93 -22.07
C THR E 111 10.61 27.84 -21.66
N ARG E 112 11.60 27.27 -20.98
CA ARG E 112 12.76 27.98 -20.48
C ARG E 112 13.99 27.31 -21.08
N LYS E 113 14.76 28.06 -21.87
CA LYS E 113 15.95 27.49 -22.45
C LYS E 113 17.09 28.50 -22.36
N LEU E 114 18.30 27.99 -22.47
CA LEU E 114 19.50 28.82 -22.44
C LEU E 114 19.84 29.21 -23.87
N LYS E 115 20.05 30.50 -24.11
CA LYS E 115 20.38 31.01 -25.43
C LYS E 115 21.39 32.13 -25.26
N ASP E 116 22.58 31.94 -25.81
CA ASP E 116 23.66 32.94 -25.72
C ASP E 116 23.96 33.30 -24.27
N GLY E 117 24.00 32.29 -23.40
CA GLY E 117 24.24 32.49 -21.99
C GLY E 117 23.11 33.13 -21.21
N LYS E 118 21.99 33.44 -21.82
CA LYS E 118 20.88 34.06 -21.12
C LYS E 118 19.73 33.07 -21.00
N LEU E 119 18.89 33.26 -19.97
CA LEU E 119 17.70 32.45 -19.83
C LEU E 119 16.58 33.11 -20.61
N VAL E 120 16.06 32.41 -21.62
CA VAL E 120 14.96 32.87 -22.45
C VAL E 120 13.71 32.07 -22.09
N VAL E 121 12.67 32.78 -21.70
CA VAL E 121 11.43 32.20 -21.22
C VAL E 121 10.32 32.60 -22.18
N GLU E 122 9.73 31.63 -22.84
CA GLU E 122 8.65 31.89 -23.77
C GLU E 122 7.35 31.31 -23.20
N CYS E 123 6.32 32.15 -23.12
CA CYS E 123 5.01 31.75 -22.65
C CYS E 123 4.03 31.84 -23.81
N VAL E 124 3.32 30.75 -24.08
CA VAL E 124 2.40 30.67 -25.22
C VAL E 124 1.04 30.29 -24.68
N MET E 125 0.01 31.01 -25.13
CA MET E 125 -1.38 30.63 -24.88
C MET E 125 -2.19 31.12 -26.06
N ASN E 126 -2.93 30.21 -26.69
CA ASN E 126 -3.65 30.51 -27.92
C ASN E 126 -2.57 31.04 -28.88
N ASN E 127 -2.77 32.18 -29.55
CA ASN E 127 -1.73 32.67 -30.44
C ASN E 127 -0.88 33.76 -29.80
N VAL E 128 -1.07 34.00 -28.52
CA VAL E 128 -0.32 35.03 -27.80
C VAL E 128 0.98 34.42 -27.28
N THR E 129 2.09 35.09 -27.58
CA THR E 129 3.41 34.69 -27.11
C THR E 129 4.04 35.84 -26.36
N CYS E 130 4.72 35.50 -25.27
CA CYS E 130 5.44 36.46 -24.44
C CYS E 130 6.87 35.94 -24.28
N THR E 131 7.83 36.83 -24.35
CA THR E 131 9.22 36.42 -24.21
C THR E 131 9.88 37.28 -23.16
N ARG E 132 10.54 36.64 -22.21
CA ARG E 132 11.23 37.33 -21.13
C ARG E 132 12.66 36.82 -21.08
N ILE E 133 13.61 37.76 -20.96
CA ILE E 133 15.02 37.43 -20.98
C ILE E 133 15.58 37.78 -19.60
N TYR E 134 16.35 36.84 -19.04
CA TYR E 134 16.97 37.00 -17.73
C TYR E 134 18.47 36.76 -17.89
N GLU E 135 19.26 37.49 -17.12
CA GLU E 135 20.71 37.32 -17.07
C GLU E 135 21.17 36.66 -15.77
N LYS E 136 22.17 35.79 -15.89
CA LYS E 136 22.70 35.08 -14.73
C LYS E 136 23.46 36.01 -13.79
N VAL E 137 23.08 36.00 -12.52
CA VAL E 137 23.76 36.82 -11.51
C VAL E 137 24.16 35.95 -10.33
N GLU E 138 25.21 36.37 -9.66
CA GLU E 138 25.54 35.85 -8.35
C GLU E 138 24.50 36.31 -7.32
N GLY F 1 -45.02 19.05 14.62
CA GLY F 1 -45.24 17.67 15.01
C GLY F 1 -44.37 17.22 16.18
N SER F 2 -43.35 18.01 16.50
CA SER F 2 -42.57 17.75 17.71
C SER F 2 -43.42 18.01 18.95
N HIS F 3 -44.06 19.18 19.00
CA HIS F 3 -45.08 19.43 20.02
C HIS F 3 -46.23 18.44 19.93
N MET F 4 -46.45 17.84 18.75
CA MET F 4 -47.52 16.86 18.55
C MET F 4 -47.13 15.47 19.05
N ALA F 5 -45.85 15.22 19.28
CA ALA F 5 -45.36 13.87 19.43
C ALA F 5 -45.38 13.41 20.89
N THR F 6 -45.73 12.13 21.09
CA THR F 6 -45.59 11.49 22.39
C THR F 6 -44.91 10.15 22.15
N VAL F 7 -44.33 9.58 23.20
CA VAL F 7 -43.72 8.27 23.08
C VAL F 7 -44.79 7.21 22.79
N GLN F 8 -46.02 7.44 23.27
CA GLN F 8 -47.09 6.47 23.06
C GLN F 8 -47.45 6.33 21.58
N GLN F 9 -47.17 7.35 20.77
CA GLN F 9 -47.39 7.24 19.33
C GLN F 9 -46.46 6.22 18.67
N LEU F 10 -45.38 5.84 19.34
CA LEU F 10 -44.48 4.83 18.82
C LEU F 10 -44.92 3.41 19.16
N GLU F 11 -45.95 3.24 19.98
CA GLU F 11 -46.34 1.91 20.45
C GLU F 11 -46.86 1.06 19.29
N GLY F 12 -46.58 -0.23 19.36
CA GLY F 12 -47.10 -1.16 18.39
C GLY F 12 -46.00 -2.05 17.85
N ARG F 13 -46.38 -2.84 16.85
CA ARG F 13 -45.48 -3.80 16.23
C ARG F 13 -45.03 -3.22 14.89
N TRP F 14 -43.72 -3.13 14.68
CA TRP F 14 -43.16 -2.51 13.50
C TRP F 14 -42.34 -3.55 12.75
N ARG F 15 -42.58 -3.66 11.45
CA ARG F 15 -41.94 -4.68 10.63
C ARG F 15 -40.91 -4.00 9.74
N LEU F 16 -39.69 -4.54 9.72
CA LEU F 16 -38.61 -3.92 8.96
C LEU F 16 -38.89 -4.05 7.48
N VAL F 17 -38.87 -2.93 6.76
CA VAL F 17 -39.04 -2.93 5.32
C VAL F 17 -37.85 -2.34 4.56
N ASP F 18 -36.98 -1.55 5.19
CA ASP F 18 -35.83 -1.03 4.47
C ASP F 18 -34.70 -0.74 5.45
N SER F 19 -33.48 -0.79 4.92
CA SER F 19 -32.26 -0.65 5.73
C SER F 19 -31.13 -0.12 4.85
N LYS F 20 -30.36 0.84 5.38
CA LYS F 20 -29.18 1.35 4.68
C LYS F 20 -28.04 1.60 5.67
N GLY F 21 -26.81 1.34 5.23
CA GLY F 21 -25.67 1.61 6.07
C GLY F 21 -25.53 0.66 7.23
N PHE F 22 -26.27 -0.44 7.23
CA PHE F 22 -26.21 -1.37 8.34
C PHE F 22 -24.85 -2.05 8.41
N ASP F 23 -24.30 -2.43 7.27
CA ASP F 23 -22.99 -3.09 7.29
C ASP F 23 -21.92 -2.16 7.87
N GLU F 24 -21.85 -0.93 7.36
CA GLU F 24 -20.87 0.01 7.87
C GLU F 24 -21.05 0.23 9.35
N TYR F 25 -22.31 0.42 9.78
CA TYR F 25 -22.59 0.68 11.19
C TYR F 25 -22.10 -0.47 12.07
N MET F 26 -22.41 -1.71 11.67
CA MET F 26 -21.93 -2.84 12.47
C MET F 26 -20.42 -2.92 12.48
N LYS F 27 -19.78 -2.64 11.36
CA LYS F 27 -18.31 -2.63 11.37
C LYS F 27 -17.81 -1.57 12.35
N GLU F 28 -18.44 -0.39 12.35
CA GLU F 28 -18.08 0.64 13.34
C GLU F 28 -18.31 0.14 14.76
N LEU F 29 -19.35 -0.68 14.99
CA LEU F 29 -19.57 -1.31 16.29
C LEU F 29 -18.57 -2.41 16.63
N GLY F 30 -17.77 -2.85 15.67
CA GLY F 30 -16.83 -3.92 15.89
C GLY F 30 -17.31 -5.31 15.54
N VAL F 31 -18.40 -5.44 14.79
CA VAL F 31 -18.91 -6.77 14.47
C VAL F 31 -18.12 -7.33 13.30
N GLY F 32 -17.74 -8.61 13.39
CA GLY F 32 -16.99 -9.25 12.34
C GLY F 32 -17.81 -9.44 11.07
N ILE F 33 -17.10 -9.72 9.96
CA ILE F 33 -17.78 -9.82 8.67
C ILE F 33 -18.78 -10.97 8.68
N ALA F 34 -18.45 -12.06 9.37
CA ALA F 34 -19.36 -13.20 9.44
C ALA F 34 -20.67 -12.80 10.12
N LEU F 35 -20.56 -12.39 11.39
CA LEU F 35 -21.71 -11.86 12.11
C LEU F 35 -22.48 -10.90 11.22
N ARG F 36 -21.84 -9.78 10.83
CA ARG F 36 -22.45 -8.79 9.94
C ARG F 36 -23.29 -9.42 8.83
N LYS F 37 -22.84 -10.54 8.28
CA LYS F 37 -23.64 -11.26 7.29
C LYS F 37 -24.90 -11.85 7.94
N MET F 38 -24.72 -12.68 8.97
CA MET F 38 -25.86 -13.26 9.67
C MET F 38 -26.87 -12.17 10.04
N GLY F 39 -26.39 -11.05 10.57
CA GLY F 39 -27.27 -9.95 10.95
C GLY F 39 -27.98 -9.34 9.75
N ALA F 40 -27.28 -9.22 8.63
CA ALA F 40 -27.92 -8.77 7.40
C ALA F 40 -29.11 -9.65 7.08
N MET F 41 -29.06 -10.93 7.48
CA MET F 41 -30.19 -11.83 7.21
C MET F 41 -31.40 -11.53 8.12
N ALA F 42 -31.18 -10.93 9.29
CA ALA F 42 -32.26 -10.79 10.27
C ALA F 42 -33.34 -9.84 9.77
N LYS F 43 -34.61 -10.28 9.88
CA LYS F 43 -35.78 -9.49 9.52
C LYS F 43 -36.61 -9.34 10.78
N PRO F 44 -36.26 -8.42 11.64
CA PRO F 44 -36.88 -8.39 12.97
C PRO F 44 -38.08 -7.45 13.06
N ASP F 45 -39.13 -7.85 13.80
CA ASP F 45 -40.14 -6.91 14.29
C ASP F 45 -39.60 -6.16 15.51
N CYS F 46 -39.94 -4.90 15.62
CA CYS F 46 -39.66 -4.13 16.82
C CYS F 46 -41.01 -3.80 17.43
N ILE F 47 -41.28 -4.31 18.63
CA ILE F 47 -42.54 -4.09 19.35
C ILE F 47 -42.26 -3.14 20.52
N ILE F 48 -42.85 -1.95 20.45
CA ILE F 48 -42.60 -0.88 21.41
C ILE F 48 -43.84 -0.67 22.26
N THR F 49 -43.65 -0.67 23.57
CA THR F 49 -44.68 -0.37 24.56
C THR F 49 -44.13 0.67 25.51
N CYS F 50 -44.95 1.63 25.92
CA CYS F 50 -44.44 2.63 26.87
C CYS F 50 -45.61 3.05 27.76
N ASP F 51 -45.75 2.36 28.91
CA ASP F 51 -46.84 2.63 29.85
C ASP F 51 -46.46 3.83 30.74
N GLY F 52 -46.99 5.00 30.39
CA GLY F 52 -46.48 6.23 30.95
C GLY F 52 -45.01 6.42 30.61
N LYS F 53 -44.15 6.21 31.59
CA LYS F 53 -42.72 6.35 31.39
C LYS F 53 -42.00 5.01 31.51
N ASN F 54 -42.74 3.90 31.58
CA ASN F 54 -42.14 2.58 31.59
C ASN F 54 -42.02 2.13 30.13
N LEU F 55 -40.79 2.07 29.62
CA LEU F 55 -40.52 1.73 28.22
C LEU F 55 -40.08 0.29 28.15
N THR F 56 -40.73 -0.47 27.26
CA THR F 56 -40.35 -1.82 26.91
C THR F 56 -40.17 -1.87 25.41
N ILE F 57 -39.04 -2.43 24.96
CA ILE F 57 -38.79 -2.66 23.55
C ILE F 57 -38.46 -4.13 23.39
N LYS F 58 -39.26 -4.82 22.59
CA LYS F 58 -39.13 -6.25 22.34
C LYS F 58 -38.78 -6.42 20.88
N THR F 59 -37.79 -7.25 20.60
CA THR F 59 -37.37 -7.55 19.26
C THR F 59 -37.66 -9.00 18.96
N GLU F 60 -38.40 -9.25 17.88
CA GLU F 60 -38.84 -10.59 17.55
C GLU F 60 -38.27 -10.89 16.17
N SER F 61 -37.38 -11.88 16.11
CA SER F 61 -36.72 -12.31 14.91
C SER F 61 -37.18 -13.72 14.56
N THR F 62 -36.60 -14.27 13.49
CA THR F 62 -36.94 -15.63 13.12
C THR F 62 -36.70 -16.58 14.28
N LEU F 63 -35.54 -16.48 14.91
CA LEU F 63 -35.19 -17.35 16.02
C LEU F 63 -35.07 -16.64 17.36
N LYS F 64 -34.40 -15.50 17.39
CA LYS F 64 -34.12 -14.82 18.65
C LYS F 64 -35.24 -13.85 19.03
N THR F 65 -35.57 -13.82 20.32
CA THR F 65 -36.46 -12.82 20.88
C THR F 65 -35.70 -12.12 22.01
N THR F 66 -35.70 -10.80 22.02
CA THR F 66 -35.07 -10.07 23.11
C THR F 66 -36.01 -9.00 23.62
N GLN F 67 -35.81 -8.62 24.88
CA GLN F 67 -36.71 -7.63 25.42
C GLN F 67 -35.98 -6.86 26.51
N PHE F 68 -36.16 -5.54 26.53
CA PHE F 68 -35.67 -4.83 27.68
C PHE F 68 -36.69 -3.77 28.12
N SER F 69 -36.66 -3.48 29.43
CA SER F 69 -37.51 -2.48 30.05
C SER F 69 -36.63 -1.50 30.83
N CYS F 70 -37.01 -0.23 30.78
CA CYS F 70 -36.29 0.81 31.48
C CYS F 70 -37.28 1.93 31.74
N THR F 71 -36.85 2.90 32.51
CA THR F 71 -37.62 4.12 32.73
C THR F 71 -37.03 5.28 31.96
N LEU F 72 -37.87 5.97 31.19
CA LEU F 72 -37.42 7.13 30.44
C LEU F 72 -36.76 8.12 31.38
N GLY F 73 -35.63 8.68 30.95
CA GLY F 73 -34.90 9.65 31.72
C GLY F 73 -33.97 9.09 32.78
N GLU F 74 -34.06 7.80 33.11
CA GLU F 74 -33.26 7.22 34.18
C GLU F 74 -32.20 6.31 33.60
N LYS F 75 -30.94 6.74 33.70
CA LYS F 75 -29.80 5.97 33.22
C LYS F 75 -29.71 4.66 33.97
N PHE F 76 -29.17 3.66 33.28
CA PHE F 76 -29.01 2.34 33.87
C PHE F 76 -27.78 1.69 33.26
N GLU F 77 -27.43 0.54 33.80
CA GLU F 77 -26.23 -0.17 33.39
C GLU F 77 -26.63 -1.58 32.92
N GLU F 78 -25.98 -2.08 31.87
CA GLU F 78 -26.31 -3.41 31.34
C GLU F 78 -25.02 -4.07 30.85
N THR F 79 -25.17 -5.18 30.16
CA THR F 79 -24.04 -5.96 29.66
C THR F 79 -24.30 -6.36 28.22
N THR F 80 -23.35 -6.07 27.34
CA THR F 80 -23.36 -6.66 26.01
C THR F 80 -23.47 -8.18 26.12
N ALA F 81 -23.65 -8.81 24.96
CA ALA F 81 -23.71 -10.27 24.89
C ALA F 81 -22.53 -10.91 25.64
N ASP F 82 -21.32 -10.40 25.42
CA ASP F 82 -20.10 -10.97 26.00
C ASP F 82 -19.75 -10.37 27.36
N GLY F 83 -20.71 -9.76 28.05
CA GLY F 83 -20.48 -9.35 29.43
C GLY F 83 -19.68 -8.08 29.62
N ARG F 84 -19.77 -7.14 28.69
CA ARG F 84 -19.07 -5.88 28.83
C ARG F 84 -20.06 -4.81 29.28
N LYS F 85 -19.70 -4.09 30.34
CA LYS F 85 -20.64 -3.16 30.94
C LYS F 85 -20.92 -2.00 30.00
N THR F 86 -22.19 -1.62 29.92
CA THR F 86 -22.69 -0.53 29.10
C THR F 86 -23.45 0.44 29.99
N GLN F 87 -23.34 1.73 29.72
CA GLN F 87 -24.19 2.74 30.33
C GLN F 87 -25.22 3.22 29.32
N THR F 88 -26.50 3.08 29.64
CA THR F 88 -27.57 3.33 28.68
C THR F 88 -28.58 4.30 29.26
N VAL F 89 -29.13 5.19 28.43
CA VAL F 89 -30.27 6.01 28.86
C VAL F 89 -31.22 6.18 27.69
N CYS F 90 -32.52 6.08 27.96
CA CYS F 90 -33.55 6.32 26.95
C CYS F 90 -34.35 7.56 27.35
N ASN F 91 -34.48 8.50 26.42
CA ASN F 91 -35.23 9.73 26.61
C ASN F 91 -36.17 9.93 25.45
N PHE F 92 -37.31 10.55 25.70
CA PHE F 92 -38.13 11.06 24.61
C PHE F 92 -37.83 12.55 24.53
N THR F 93 -37.22 12.96 23.42
CA THR F 93 -36.68 14.29 23.26
C THR F 93 -37.03 14.77 21.86
N ASP F 94 -37.52 16.00 21.73
CA ASP F 94 -37.80 16.60 20.42
C ASP F 94 -38.53 15.65 19.48
N GLY F 95 -39.58 15.01 19.99
CA GLY F 95 -40.38 14.18 19.11
C GLY F 95 -39.78 12.85 18.72
N ALA F 96 -38.71 12.41 19.36
CA ALA F 96 -38.13 11.12 19.03
C ALA F 96 -37.73 10.39 20.31
N LEU F 97 -37.79 9.07 20.26
CA LEU F 97 -37.21 8.24 21.31
C LEU F 97 -35.71 8.08 21.03
N VAL F 98 -34.88 8.55 21.96
CA VAL F 98 -33.43 8.58 21.82
C VAL F 98 -32.82 7.62 22.84
N GLN F 99 -32.03 6.68 22.36
CA GLN F 99 -31.37 5.67 23.17
C GLN F 99 -29.86 5.85 23.04
N HIS F 100 -29.21 6.27 24.12
CA HIS F 100 -27.78 6.55 24.10
C HIS F 100 -27.08 5.43 24.86
N GLN F 101 -26.11 4.77 24.21
CA GLN F 101 -25.36 3.67 24.81
C GLN F 101 -23.87 3.97 24.77
N GLU F 102 -23.17 3.65 25.86
CA GLU F 102 -21.74 3.91 25.97
C GLU F 102 -21.04 2.68 26.53
N TRP F 103 -20.02 2.20 25.83
CA TRP F 103 -19.31 1.01 26.26
C TRP F 103 -17.96 0.96 25.55
N ASP F 104 -16.92 0.49 26.26
CA ASP F 104 -15.57 0.37 25.69
C ASP F 104 -15.09 1.71 25.14
N GLY F 105 -15.43 2.79 25.83
CA GLY F 105 -15.07 4.13 25.41
C GLY F 105 -15.75 4.65 24.17
N LYS F 106 -16.73 3.93 23.60
CA LYS F 106 -17.43 4.39 22.41
C LYS F 106 -18.92 4.62 22.67
N GLU F 107 -19.50 5.52 21.86
CA GLU F 107 -20.86 5.96 22.04
C GLU F 107 -21.71 5.65 20.81
N SER F 108 -22.97 5.40 21.06
CA SER F 108 -23.92 5.08 20.00
C SER F 108 -25.24 5.74 20.33
N THR F 109 -25.91 6.26 19.33
CA THR F 109 -27.21 6.87 19.51
C THR F 109 -28.19 6.27 18.53
N ILE F 110 -29.30 5.78 19.05
CA ILE F 110 -30.39 5.26 18.24
C ILE F 110 -31.59 6.16 18.48
N THR F 111 -32.03 6.85 17.43
CA THR F 111 -33.21 7.70 17.47
C THR F 111 -34.31 6.99 16.68
N ARG F 112 -35.48 6.91 17.29
CA ARG F 112 -36.66 6.26 16.71
C ARG F 112 -37.73 7.33 16.63
N LYS F 113 -38.18 7.62 15.41
CA LYS F 113 -39.01 8.76 15.10
C LYS F 113 -40.15 8.29 14.21
N LEU F 114 -41.34 8.85 14.39
CA LEU F 114 -42.42 8.62 13.45
C LEU F 114 -42.29 9.58 12.28
N LYS F 115 -42.31 9.05 11.06
CA LYS F 115 -42.22 9.91 9.87
C LYS F 115 -43.20 9.37 8.84
N ASP F 116 -44.24 10.14 8.55
CA ASP F 116 -45.21 9.76 7.53
C ASP F 116 -45.80 8.39 7.84
N GLY F 117 -46.15 8.17 9.11
CA GLY F 117 -46.71 6.90 9.53
C GLY F 117 -45.75 5.73 9.61
N LYS F 118 -44.47 5.89 9.31
CA LYS F 118 -43.49 4.81 9.42
C LYS F 118 -42.56 5.07 10.59
N LEU F 119 -41.94 4.00 11.10
CA LEU F 119 -40.92 4.15 12.13
C LEU F 119 -39.57 4.28 11.44
N VAL F 120 -38.91 5.43 11.61
CA VAL F 120 -37.59 5.69 11.05
C VAL F 120 -36.60 5.62 12.19
N VAL F 121 -35.63 4.71 12.08
CA VAL F 121 -34.67 4.41 13.13
C VAL F 121 -33.31 4.81 12.58
N GLU F 122 -32.71 5.81 13.19
CA GLU F 122 -31.39 6.29 12.80
C GLU F 122 -30.40 5.92 13.89
N CYS F 123 -29.37 5.19 13.52
CA CYS F 123 -28.32 4.73 14.42
C CYS F 123 -27.01 5.42 14.05
N VAL F 124 -26.39 6.08 15.01
CA VAL F 124 -25.20 6.87 14.76
C VAL F 124 -24.06 6.44 15.68
N MET F 125 -22.87 6.30 15.10
CA MET F 125 -21.67 6.12 15.91
C MET F 125 -20.50 6.73 15.14
N ASN F 126 -19.77 7.61 15.79
CA ASN F 126 -18.72 8.39 15.14
C ASN F 126 -19.40 9.13 13.99
N ASN F 127 -18.99 8.92 12.75
CA ASN F 127 -19.72 9.50 11.62
C ASN F 127 -20.55 8.47 10.86
N VAL F 128 -20.48 7.21 11.26
CA VAL F 128 -21.19 6.15 10.55
C VAL F 128 -22.66 6.18 10.97
N THR F 129 -23.55 6.27 9.98
CA THR F 129 -24.99 6.30 10.21
C THR F 129 -25.66 5.15 9.46
N CYS F 130 -26.66 4.56 10.11
CA CYS F 130 -27.46 3.50 9.52
C CYS F 130 -28.93 3.90 9.70
N THR F 131 -29.75 3.66 8.69
CA THR F 131 -31.15 4.02 8.77
C THR F 131 -31.99 2.80 8.45
N ARG F 132 -32.95 2.49 9.31
CA ARG F 132 -33.83 1.35 9.13
C ARG F 132 -35.28 1.83 9.24
N ILE F 133 -36.11 1.39 8.31
CA ILE F 133 -37.49 1.86 8.23
C ILE F 133 -38.40 0.67 8.46
N TYR F 134 -39.38 0.85 9.35
CA TYR F 134 -40.35 -0.18 9.73
C TYR F 134 -41.74 0.35 9.44
N GLU F 135 -42.63 -0.54 9.02
CA GLU F 135 -44.04 -0.23 8.85
C GLU F 135 -44.88 -0.86 9.96
N LYS F 136 -45.92 -0.15 10.40
CA LYS F 136 -46.80 -0.65 11.45
C LYS F 136 -47.59 -1.83 10.93
N VAL F 137 -47.63 -2.91 11.72
CA VAL F 137 -48.40 -4.10 11.36
C VAL F 137 -49.09 -4.59 12.61
N GLU F 138 -50.13 -5.40 12.40
CA GLU F 138 -50.83 -6.09 13.49
C GLU F 138 -50.11 -7.37 13.81
N SER G 2 4.52 -46.73 18.80
CA SER G 2 5.25 -45.56 18.34
C SER G 2 6.12 -45.91 17.12
N HIS G 3 7.07 -46.82 17.30
CA HIS G 3 7.89 -47.26 16.18
C HIS G 3 7.06 -47.90 15.07
N MET G 4 5.84 -48.34 15.39
CA MET G 4 4.89 -48.89 14.42
C MET G 4 4.05 -47.83 13.72
N ALA G 5 4.04 -46.60 14.23
CA ALA G 5 3.02 -45.63 13.87
C ALA G 5 3.51 -44.71 12.76
N THR G 6 2.62 -44.40 11.82
CA THR G 6 2.89 -43.38 10.82
C THR G 6 1.71 -42.41 10.75
N VAL G 7 1.98 -41.22 10.23
CA VAL G 7 0.91 -40.25 10.07
C VAL G 7 -0.14 -40.80 9.12
N GLN G 8 0.28 -41.64 8.16
CA GLN G 8 -0.66 -42.22 7.21
C GLN G 8 -1.69 -43.12 7.89
N GLN G 9 -1.39 -43.65 9.07
CA GLN G 9 -2.40 -44.45 9.75
C GLN G 9 -3.60 -43.62 10.20
N LEU G 10 -3.47 -42.29 10.24
CA LEU G 10 -4.58 -41.44 10.69
C LEU G 10 -5.54 -41.10 9.56
N GLU G 11 -5.28 -41.59 8.36
CA GLU G 11 -5.98 -41.15 7.17
C GLU G 11 -7.41 -41.68 7.17
N GLY G 12 -8.35 -40.82 6.73
CA GLY G 12 -9.71 -41.26 6.57
C GLY G 12 -10.69 -40.22 7.12
N ARG G 13 -11.95 -40.62 7.14
CA ARG G 13 -13.03 -39.77 7.64
C ARG G 13 -13.44 -40.27 9.03
N TRP G 14 -13.47 -39.36 9.99
CA TRP G 14 -13.67 -39.69 11.39
C TRP G 14 -14.85 -38.90 11.93
N ARG G 15 -15.84 -39.60 12.45
CA ARG G 15 -17.08 -39.00 12.89
C ARG G 15 -17.04 -38.81 14.41
N LEU G 16 -17.42 -37.63 14.87
CA LEU G 16 -17.33 -37.34 16.30
C LEU G 16 -18.36 -38.17 17.07
N VAL G 17 -17.90 -38.87 18.09
CA VAL G 17 -18.78 -39.71 18.91
C VAL G 17 -18.69 -39.40 20.40
N ASP G 18 -17.66 -38.71 20.90
CA ASP G 18 -17.62 -38.32 22.29
C ASP G 18 -16.80 -37.05 22.45
N SER G 19 -17.21 -36.20 23.40
CA SER G 19 -16.46 -34.98 23.74
C SER G 19 -16.51 -34.70 25.24
N LYS G 20 -15.39 -34.20 25.77
CA LYS G 20 -15.27 -33.85 27.17
C LYS G 20 -14.42 -32.59 27.30
N GLY G 21 -14.87 -31.65 28.13
CA GLY G 21 -14.08 -30.47 28.42
C GLY G 21 -13.94 -29.48 27.29
N PHE G 22 -14.78 -29.58 26.26
CA PHE G 22 -14.63 -28.70 25.11
C PHE G 22 -14.98 -27.26 25.47
N ASP G 23 -16.08 -27.05 26.21
CA ASP G 23 -16.48 -25.68 26.53
C ASP G 23 -15.45 -25.00 27.42
N GLU G 24 -14.96 -25.69 28.45
CA GLU G 24 -13.85 -25.16 29.23
C GLU G 24 -12.66 -24.80 28.34
N TYR G 25 -12.32 -25.67 27.39
CA TYR G 25 -11.17 -25.42 26.52
C TYR G 25 -11.38 -24.17 25.67
N MET G 26 -12.59 -23.96 25.16
CA MET G 26 -12.83 -22.78 24.34
C MET G 26 -12.88 -21.52 25.19
N LYS G 27 -13.47 -21.60 26.38
CA LYS G 27 -13.42 -20.48 27.30
C LYS G 27 -11.98 -20.11 27.61
N GLU G 28 -11.11 -21.11 27.82
CA GLU G 28 -9.70 -20.84 28.03
C GLU G 28 -9.05 -20.16 26.82
N LEU G 29 -9.62 -20.35 25.63
CA LEU G 29 -9.09 -19.72 24.43
C LEU G 29 -9.64 -18.31 24.20
N GLY G 30 -10.69 -17.93 24.93
CA GLY G 30 -11.28 -16.62 24.80
C GLY G 30 -12.41 -16.54 23.77
N VAL G 31 -13.19 -17.61 23.67
CA VAL G 31 -14.27 -17.70 22.68
C VAL G 31 -15.55 -17.14 23.29
N GLY G 32 -16.18 -16.20 22.59
CA GLY G 32 -17.50 -15.72 23.00
C GLY G 32 -18.43 -16.88 23.28
N ILE G 33 -19.33 -16.74 24.26
CA ILE G 33 -20.19 -17.86 24.63
C ILE G 33 -21.14 -18.23 23.50
N ALA G 34 -21.45 -17.29 22.61
CA ALA G 34 -22.31 -17.62 21.48
C ALA G 34 -21.68 -18.70 20.62
N LEU G 35 -20.42 -18.48 20.20
CA LEU G 35 -19.71 -19.48 19.43
C LEU G 35 -19.36 -20.70 20.27
N ARG G 36 -19.40 -20.59 21.61
CA ARG G 36 -19.25 -21.78 22.43
C ARG G 36 -20.51 -22.63 22.38
N LYS G 37 -21.64 -21.99 22.11
CA LYS G 37 -22.91 -22.69 21.93
C LYS G 37 -22.99 -23.33 20.55
N MET G 38 -22.72 -22.54 19.50
CA MET G 38 -22.57 -23.13 18.17
C MET G 38 -21.58 -24.28 18.19
N GLY G 39 -20.35 -23.99 18.64
CA GLY G 39 -19.34 -25.03 18.74
C GLY G 39 -19.84 -26.26 19.48
N ALA G 40 -20.56 -26.05 20.59
CA ALA G 40 -21.12 -27.19 21.30
C ALA G 40 -22.16 -27.94 20.47
N MET G 41 -22.77 -27.29 19.48
CA MET G 41 -23.74 -27.99 18.65
C MET G 41 -23.10 -28.72 17.46
N ALA G 42 -21.87 -28.40 17.10
CA ALA G 42 -21.30 -28.96 15.88
C ALA G 42 -21.12 -30.47 15.98
N LYS G 43 -21.46 -31.17 14.89
CA LYS G 43 -21.27 -32.62 14.78
C LYS G 43 -20.31 -32.84 13.62
N PRO G 44 -19.03 -32.57 13.81
CA PRO G 44 -18.11 -32.54 12.68
C PRO G 44 -17.45 -33.88 12.39
N ASP G 45 -17.23 -34.11 11.10
CA ASP G 45 -16.27 -35.11 10.63
C ASP G 45 -14.90 -34.46 10.47
N CYS G 46 -13.87 -35.21 10.81
CA CYS G 46 -12.49 -34.83 10.59
C CYS G 46 -11.94 -35.77 9.52
N ILE G 47 -11.61 -35.22 8.36
CA ILE G 47 -11.10 -35.98 7.23
C ILE G 47 -9.62 -35.67 7.10
N ILE G 48 -8.78 -36.68 7.31
CA ILE G 48 -7.34 -36.54 7.39
C ILE G 48 -6.73 -37.20 6.16
N THR G 49 -5.88 -36.48 5.43
CA THR G 49 -5.05 -37.05 4.37
C THR G 49 -3.62 -36.54 4.53
N CYS G 50 -2.63 -37.40 4.27
CA CYS G 50 -1.24 -36.95 4.33
C CYS G 50 -0.44 -37.65 3.24
N ASP G 51 -0.11 -36.90 2.16
CA ASP G 51 0.62 -37.44 1.01
C ASP G 51 2.10 -37.17 1.22
N GLY G 52 2.84 -38.19 1.65
CA GLY G 52 4.20 -38.00 2.11
C GLY G 52 4.16 -37.15 3.36
N LYS G 53 4.63 -35.91 3.27
CA LYS G 53 4.51 -34.96 4.37
C LYS G 53 3.55 -33.83 4.05
N ASN G 54 2.72 -33.99 3.01
CA ASN G 54 1.72 -32.97 2.67
C ASN G 54 0.44 -33.31 3.43
N LEU G 55 0.30 -32.72 4.63
CA LEU G 55 -0.86 -32.96 5.48
C LEU G 55 -2.01 -32.02 5.13
N THR G 56 -3.21 -32.59 5.10
CA THR G 56 -4.45 -31.87 4.85
C THR G 56 -5.47 -32.35 5.84
N ILE G 57 -6.12 -31.41 6.53
CA ILE G 57 -7.17 -31.73 7.49
C ILE G 57 -8.40 -30.93 7.10
N LYS G 58 -9.46 -31.64 6.75
CA LYS G 58 -10.73 -31.05 6.33
C LYS G 58 -11.78 -31.36 7.40
N THR G 59 -12.50 -30.34 7.83
CA THR G 59 -13.56 -30.48 8.81
C THR G 59 -14.88 -30.22 8.10
N GLU G 60 -15.81 -31.17 8.22
CA GLU G 60 -17.13 -31.01 7.63
C GLU G 60 -18.15 -31.04 8.76
N SER G 61 -18.88 -29.94 8.94
CA SER G 61 -19.94 -29.91 9.94
C SER G 61 -21.28 -29.92 9.23
N THR G 62 -22.34 -29.68 9.98
CA THR G 62 -23.66 -29.59 9.37
C THR G 62 -23.67 -28.62 8.21
N LEU G 63 -23.18 -27.39 8.44
CA LEU G 63 -23.14 -26.37 7.40
C LEU G 63 -21.73 -25.88 7.08
N LYS G 64 -20.84 -25.80 8.05
CA LYS G 64 -19.52 -25.23 7.85
C LYS G 64 -18.54 -26.31 7.39
N THR G 65 -17.65 -25.95 6.46
CA THR G 65 -16.55 -26.78 6.01
C THR G 65 -15.26 -25.97 6.03
N THR G 66 -14.20 -26.53 6.60
CA THR G 66 -12.92 -25.86 6.60
C THR G 66 -11.85 -26.84 6.18
N GLN G 67 -10.75 -26.30 5.64
CA GLN G 67 -9.65 -27.14 5.20
C GLN G 67 -8.33 -26.42 5.39
N PHE G 68 -7.29 -27.15 5.81
CA PHE G 68 -5.97 -26.55 5.77
C PHE G 68 -4.93 -27.60 5.41
N SER G 69 -3.92 -27.14 4.68
CA SER G 69 -2.81 -27.96 4.22
C SER G 69 -1.50 -27.34 4.71
N CYS G 70 -0.53 -28.20 4.98
CA CYS G 70 0.76 -27.78 5.48
C CYS G 70 1.70 -28.96 5.32
N THR G 71 2.98 -28.70 5.52
CA THR G 71 4.01 -29.73 5.36
C THR G 71 4.53 -30.08 6.74
N LEU G 72 4.49 -31.36 7.09
CA LEU G 72 4.96 -31.74 8.41
C LEU G 72 6.35 -31.15 8.66
N GLY G 73 6.58 -30.69 9.88
CA GLY G 73 7.87 -30.15 10.27
C GLY G 73 8.20 -28.78 9.75
N GLU G 74 7.34 -28.17 8.93
CA GLU G 74 7.56 -26.80 8.46
C GLU G 74 6.57 -25.88 9.17
N LYS G 75 7.06 -25.13 10.15
CA LYS G 75 6.27 -24.04 10.71
C LYS G 75 5.63 -23.25 9.58
N PHE G 76 4.46 -22.69 9.87
CA PHE G 76 3.85 -21.71 9.00
C PHE G 76 3.19 -20.66 9.87
N GLU G 77 3.03 -19.47 9.31
CA GLU G 77 2.44 -18.35 10.02
C GLU G 77 1.12 -17.96 9.38
N GLU G 78 0.29 -17.27 10.18
CA GLU G 78 -0.99 -16.72 9.74
C GLU G 78 -1.24 -15.40 10.47
N THR G 79 -1.33 -14.29 9.72
CA THR G 79 -1.57 -12.99 10.33
C THR G 79 -2.93 -12.92 11.00
N THR G 80 -2.96 -12.30 12.19
CA THR G 80 -4.16 -12.13 13.00
C THR G 80 -4.78 -10.75 12.78
N ALA G 81 -5.98 -10.58 13.33
CA ALA G 81 -6.69 -9.30 13.19
C ALA G 81 -5.90 -8.14 13.81
N ASP G 82 -5.11 -8.41 14.85
CA ASP G 82 -4.41 -7.36 15.60
C ASP G 82 -3.07 -6.93 14.96
N GLY G 83 -2.71 -7.46 13.80
CA GLY G 83 -1.47 -7.07 13.17
C GLY G 83 -0.23 -7.81 13.66
N ARG G 84 -0.39 -8.93 14.36
CA ARG G 84 0.69 -9.85 14.68
C ARG G 84 0.40 -11.18 13.99
N LYS G 85 1.31 -12.14 14.11
CA LYS G 85 1.17 -13.41 13.41
C LYS G 85 1.14 -14.58 14.38
N THR G 86 0.32 -15.58 14.03
CA THR G 86 0.26 -16.86 14.72
C THR G 86 1.21 -17.84 14.04
N GLN G 87 1.85 -18.69 14.85
CA GLN G 87 2.77 -19.69 14.32
C GLN G 87 2.25 -21.08 14.67
N THR G 88 2.28 -21.98 13.68
CA THR G 88 1.76 -23.33 13.80
C THR G 88 2.76 -24.29 13.19
N VAL G 89 2.97 -25.43 13.83
CA VAL G 89 3.75 -26.50 13.20
C VAL G 89 3.05 -27.82 13.48
N CYS G 90 3.07 -28.71 12.49
CA CYS G 90 2.52 -30.05 12.62
C CYS G 90 3.62 -31.07 12.43
N ASN G 91 3.73 -32.00 13.36
CA ASN G 91 4.72 -33.05 13.28
C ASN G 91 4.08 -34.33 13.73
N PHE G 92 4.39 -35.43 13.07
CA PHE G 92 4.10 -36.74 13.60
C PHE G 92 5.31 -37.16 14.42
N THR G 93 5.09 -37.32 15.72
CA THR G 93 6.17 -37.59 16.66
C THR G 93 5.60 -38.48 17.75
N ASP G 94 6.38 -39.47 18.18
CA ASP G 94 5.97 -40.35 19.27
C ASP G 94 4.67 -41.07 18.97
N GLY G 95 4.42 -41.36 17.69
CA GLY G 95 3.18 -42.01 17.33
C GLY G 95 1.95 -41.13 17.44
N ALA G 96 2.08 -39.82 17.26
CA ALA G 96 0.87 -39.00 17.25
C ALA G 96 1.08 -37.80 16.34
N LEU G 97 -0.01 -37.28 15.82
CA LEU G 97 0.02 -36.04 15.05
C LEU G 97 -0.11 -34.89 16.04
N VAL G 98 0.84 -33.97 15.99
CA VAL G 98 0.99 -32.93 17.00
C VAL G 98 0.96 -31.60 16.29
N GLN G 99 -0.02 -30.79 16.65
CA GLN G 99 -0.29 -29.50 16.06
C GLN G 99 -0.07 -28.46 17.16
N HIS G 100 0.94 -27.63 16.99
CA HIS G 100 1.36 -26.71 18.03
C HIS G 100 1.17 -25.30 17.51
N GLN G 101 0.44 -24.50 18.29
CA GLN G 101 0.16 -23.12 17.92
C GLN G 101 0.64 -22.18 19.01
N GLU G 102 1.25 -21.10 18.57
CA GLU G 102 1.74 -20.04 19.44
C GLU G 102 1.14 -18.74 18.93
N TRP G 103 0.57 -17.96 19.84
CA TRP G 103 0.11 -16.62 19.51
C TRP G 103 0.12 -15.77 20.77
N ASP G 104 0.75 -14.59 20.68
CA ASP G 104 0.75 -13.60 21.76
C ASP G 104 1.29 -14.19 23.08
N GLY G 105 2.48 -14.77 23.02
CA GLY G 105 3.06 -15.40 24.19
C GLY G 105 2.21 -16.50 24.79
N LYS G 106 1.21 -16.95 24.03
CA LYS G 106 0.35 -18.06 24.39
C LYS G 106 0.60 -19.23 23.44
N GLU G 107 0.05 -20.39 23.80
CA GLU G 107 0.21 -21.54 22.95
C GLU G 107 -0.82 -22.60 23.31
N SER G 108 -1.13 -23.44 22.34
CA SER G 108 -2.06 -24.55 22.52
C SER G 108 -1.55 -25.73 21.73
N THR G 109 -1.93 -26.92 22.17
CA THR G 109 -1.43 -28.15 21.57
C THR G 109 -2.59 -29.08 21.31
N ILE G 110 -2.64 -29.60 20.09
CA ILE G 110 -3.64 -30.60 19.70
C ILE G 110 -2.87 -31.82 19.22
N THR G 111 -3.18 -32.97 19.79
CA THR G 111 -2.53 -34.20 19.39
C THR G 111 -3.63 -35.19 19.04
N ARG G 112 -3.47 -35.85 17.91
CA ARG G 112 -4.41 -36.83 17.42
C ARG G 112 -3.70 -38.16 17.33
N LYS G 113 -4.28 -39.21 17.91
CA LYS G 113 -3.63 -40.50 17.98
C LYS G 113 -4.65 -41.60 17.84
N LEU G 114 -4.28 -42.67 17.15
CA LEU G 114 -5.06 -43.89 17.13
C LEU G 114 -5.02 -44.56 18.49
N LYS G 115 -6.19 -44.81 19.08
CA LYS G 115 -6.30 -45.63 20.28
C LYS G 115 -7.42 -46.63 20.05
N ASP G 116 -7.06 -47.92 20.02
CA ASP G 116 -8.04 -48.97 19.78
C ASP G 116 -8.89 -48.65 18.55
N GLY G 117 -8.21 -48.26 17.46
CA GLY G 117 -8.85 -47.99 16.20
C GLY G 117 -9.76 -46.79 16.15
N LYS G 118 -9.78 -45.96 17.19
CA LYS G 118 -10.53 -44.71 17.19
C LYS G 118 -9.55 -43.53 17.16
N LEU G 119 -10.04 -42.38 16.69
CA LEU G 119 -9.24 -41.17 16.73
C LEU G 119 -9.48 -40.49 18.07
N VAL G 120 -8.44 -40.41 18.90
CA VAL G 120 -8.49 -39.70 20.17
C VAL G 120 -7.72 -38.40 20.00
N VAL G 121 -8.40 -37.28 20.27
CA VAL G 121 -7.84 -35.94 20.03
C VAL G 121 -7.79 -35.20 21.36
N GLU G 122 -6.59 -34.93 21.83
CA GLU G 122 -6.40 -34.19 23.06
C GLU G 122 -5.96 -32.78 22.73
N CYS G 123 -6.69 -31.80 23.22
CA CYS G 123 -6.31 -30.40 23.11
C CYS G 123 -5.94 -29.90 24.50
N VAL G 124 -4.96 -29.01 24.56
CA VAL G 124 -4.46 -28.52 25.83
C VAL G 124 -4.13 -27.04 25.71
N MET G 125 -4.65 -26.25 26.64
CA MET G 125 -4.20 -24.89 26.87
C MET G 125 -4.22 -24.59 28.36
N ASN G 126 -3.06 -24.25 28.92
CA ASN G 126 -2.95 -23.86 30.34
C ASN G 126 -3.64 -24.85 31.27
N ASN G 127 -3.32 -26.14 31.11
CA ASN G 127 -3.88 -27.15 32.00
C ASN G 127 -5.37 -27.43 31.79
N VAL G 128 -6.04 -26.62 30.99
CA VAL G 128 -7.38 -26.96 30.52
C VAL G 128 -7.23 -27.99 29.39
N THR G 129 -7.84 -29.15 29.56
CA THR G 129 -7.73 -30.25 28.61
C THR G 129 -9.10 -30.62 28.06
N CYS G 130 -9.18 -30.77 26.74
CA CYS G 130 -10.36 -31.26 26.05
C CYS G 130 -10.00 -32.56 25.33
N THR G 131 -10.92 -33.51 25.29
CA THR G 131 -10.65 -34.79 24.65
C THR G 131 -11.85 -35.18 23.81
N ARG G 132 -11.61 -35.45 22.52
CA ARG G 132 -12.67 -35.73 21.57
C ARG G 132 -12.39 -37.03 20.85
N ILE G 133 -13.40 -37.88 20.74
CA ILE G 133 -13.25 -39.22 20.20
C ILE G 133 -14.04 -39.30 18.89
N TYR G 134 -13.41 -39.86 17.85
CA TYR G 134 -14.04 -40.02 16.55
C TYR G 134 -13.90 -41.48 16.12
N GLU G 135 -14.91 -41.98 15.41
CA GLU G 135 -14.85 -43.31 14.84
C GLU G 135 -14.69 -43.24 13.33
N LYS G 136 -13.88 -44.13 12.78
CA LYS G 136 -13.64 -44.19 11.34
C LYS G 136 -14.93 -44.60 10.62
N VAL G 137 -15.32 -43.83 9.61
CA VAL G 137 -16.52 -44.13 8.83
C VAL G 137 -16.23 -43.90 7.36
N GLU G 138 -16.95 -44.63 6.51
CA GLU G 138 -16.89 -44.41 5.07
C GLU G 138 -17.65 -43.14 4.76
N SER H 2 18.35 7.93 -6.25
CA SER H 2 17.96 7.68 -7.64
C SER H 2 17.28 8.89 -8.25
N HIS H 3 16.23 9.40 -7.59
CA HIS H 3 15.69 10.69 -8.03
C HIS H 3 16.71 11.81 -7.86
N MET H 4 17.73 11.61 -7.02
CA MET H 4 18.82 12.58 -6.85
C MET H 4 19.90 12.48 -7.94
N ALA H 5 19.92 11.41 -8.73
CA ALA H 5 21.10 11.08 -9.54
C ALA H 5 21.05 11.72 -10.92
N THR H 6 22.22 12.16 -11.40
CA THR H 6 22.39 12.54 -12.80
C THR H 6 23.61 11.84 -13.40
N VAL H 7 23.62 11.74 -14.73
CA VAL H 7 24.80 11.22 -15.40
C VAL H 7 25.99 12.12 -15.18
N GLN H 8 25.77 13.44 -15.02
CA GLN H 8 26.89 14.38 -14.83
C GLN H 8 27.62 14.14 -13.52
N GLN H 9 26.94 13.57 -12.53
CA GLN H 9 27.59 13.21 -11.27
C GLN H 9 28.64 12.12 -11.43
N LEU H 10 28.69 11.44 -12.58
CA LEU H 10 29.71 10.43 -12.80
C LEU H 10 30.95 11.00 -13.48
N GLU H 11 30.95 12.29 -13.81
CA GLU H 11 32.08 12.85 -14.55
C GLU H 11 33.32 12.92 -13.67
N GLY H 12 34.47 12.81 -14.31
CA GLY H 12 35.72 12.88 -13.61
C GLY H 12 36.55 11.64 -13.84
N ARG H 13 37.72 11.65 -13.21
CA ARG H 13 38.71 10.58 -13.31
C ARG H 13 38.56 9.66 -12.11
N TRP H 14 38.42 8.37 -12.38
CA TRP H 14 38.17 7.38 -11.34
C TRP H 14 39.28 6.34 -11.39
N ARG H 15 39.98 6.13 -10.28
CA ARG H 15 41.11 5.20 -10.19
C ARG H 15 40.61 3.89 -9.60
N LEU H 16 40.94 2.78 -10.25
CA LEU H 16 40.52 1.48 -9.75
C LEU H 16 41.14 1.21 -8.38
N VAL H 17 40.31 0.79 -7.44
CA VAL H 17 40.80 0.40 -6.12
C VAL H 17 40.38 -0.99 -5.71
N ASP H 18 39.37 -1.60 -6.33
CA ASP H 18 38.96 -2.94 -5.92
C ASP H 18 38.18 -3.63 -7.04
N SER H 19 38.28 -4.95 -7.04
CA SER H 19 37.78 -5.75 -8.13
C SER H 19 37.40 -7.10 -7.54
N LYS H 20 36.26 -7.64 -7.98
CA LYS H 20 35.92 -9.01 -7.63
C LYS H 20 35.21 -9.62 -8.83
N GLY H 21 35.58 -10.86 -9.15
CA GLY H 21 34.90 -11.59 -10.19
C GLY H 21 35.28 -11.23 -11.59
N PHE H 22 36.40 -10.52 -11.78
CA PHE H 22 36.73 -10.04 -13.11
C PHE H 22 37.24 -11.17 -14.00
N ASP H 23 38.00 -12.11 -13.44
CA ASP H 23 38.48 -13.25 -14.22
C ASP H 23 37.32 -14.13 -14.71
N GLU H 24 36.36 -14.40 -13.83
CA GLU H 24 35.19 -15.17 -14.21
C GLU H 24 34.41 -14.46 -15.32
N TYR H 25 34.20 -13.16 -15.15
CA TYR H 25 33.45 -12.38 -16.14
C TYR H 25 34.17 -12.35 -17.48
N MET H 26 35.49 -12.17 -17.45
CA MET H 26 36.23 -12.22 -18.71
C MET H 26 36.18 -13.60 -19.35
N LYS H 27 36.07 -14.65 -18.52
CA LYS H 27 35.93 -15.99 -19.07
C LYS H 27 34.62 -16.12 -19.84
N GLU H 28 33.51 -15.73 -19.20
CA GLU H 28 32.24 -15.66 -19.92
C GLU H 28 32.40 -14.97 -21.28
N LEU H 29 32.96 -13.77 -21.29
CA LEU H 29 33.20 -13.08 -22.55
C LEU H 29 34.03 -13.92 -23.52
N GLY H 30 34.66 -15.00 -23.05
CA GLY H 30 35.45 -15.84 -23.91
C GLY H 30 36.87 -15.33 -24.11
N VAL H 31 37.45 -14.77 -23.07
CA VAL H 31 38.84 -14.30 -23.09
C VAL H 31 39.74 -15.45 -22.66
N GLY H 32 40.85 -15.62 -23.37
CA GLY H 32 41.82 -16.64 -23.01
C GLY H 32 42.63 -16.24 -21.80
N ILE H 33 43.38 -17.23 -21.28
CA ILE H 33 44.09 -17.06 -20.01
C ILE H 33 45.10 -15.93 -20.12
N ALA H 34 45.75 -15.80 -21.28
CA ALA H 34 46.79 -14.79 -21.45
C ALA H 34 46.20 -13.39 -21.36
N LEU H 35 45.16 -13.12 -22.14
CA LEU H 35 44.48 -11.84 -22.02
C LEU H 35 43.91 -11.62 -20.62
N ARG H 36 43.38 -12.67 -19.98
CA ARG H 36 42.82 -12.48 -18.64
C ARG H 36 43.90 -12.12 -17.64
N LYS H 37 45.13 -12.63 -17.83
CA LYS H 37 46.23 -12.24 -16.95
C LYS H 37 46.63 -10.78 -17.22
N MET H 38 46.80 -10.42 -18.50
CA MET H 38 47.05 -9.01 -18.82
C MET H 38 46.02 -8.13 -18.12
N GLY H 39 44.74 -8.45 -18.27
CA GLY H 39 43.69 -7.63 -17.69
C GLY H 39 43.65 -7.68 -16.18
N ALA H 40 44.10 -8.78 -15.59
CA ALA H 40 44.27 -8.82 -14.15
C ALA H 40 45.37 -7.87 -13.68
N MET H 41 46.32 -7.54 -14.55
CA MET H 41 47.38 -6.61 -14.19
C MET H 41 47.06 -5.15 -14.50
N ALA H 42 46.08 -4.87 -15.37
CA ALA H 42 45.75 -3.51 -15.72
C ALA H 42 45.43 -2.69 -14.47
N LYS H 43 45.81 -1.40 -14.51
CA LYS H 43 45.53 -0.45 -13.44
C LYS H 43 44.85 0.79 -14.04
N PRO H 44 43.62 0.65 -14.53
CA PRO H 44 43.05 1.70 -15.38
C PRO H 44 42.33 2.79 -14.59
N ASP H 45 42.52 4.03 -15.04
CA ASP H 45 41.59 5.11 -14.71
C ASP H 45 40.45 5.09 -15.72
N CYS H 46 39.25 5.25 -15.22
CA CYS H 46 38.06 5.44 -16.04
C CYS H 46 37.69 6.92 -15.95
N ILE H 47 37.78 7.65 -17.05
CA ILE H 47 37.50 9.07 -17.12
C ILE H 47 36.19 9.27 -17.89
N ILE H 48 35.19 9.80 -17.20
CA ILE H 48 33.86 9.93 -17.76
C ILE H 48 33.56 11.41 -17.96
N THR H 49 33.02 11.74 -19.12
CA THR H 49 32.53 13.06 -19.46
C THR H 49 31.18 12.88 -20.13
N CYS H 50 30.23 13.76 -19.84
CA CYS H 50 28.94 13.68 -20.53
C CYS H 50 28.44 15.10 -20.72
N ASP H 51 28.59 15.62 -21.94
CA ASP H 51 28.12 16.98 -22.23
C ASP H 51 26.72 16.86 -22.81
N GLY H 52 25.73 17.09 -21.95
CA GLY H 52 24.35 16.86 -22.35
C GLY H 52 24.11 15.39 -22.58
N LYS H 53 23.89 15.03 -23.84
CA LYS H 53 23.73 13.63 -24.21
C LYS H 53 25.02 13.00 -24.69
N ASN H 54 26.09 13.79 -24.83
CA ASN H 54 27.33 13.34 -25.49
C ASN H 54 28.21 12.65 -24.44
N LEU H 55 28.10 11.33 -24.36
CA LEU H 55 28.85 10.54 -23.38
C LEU H 55 30.20 10.14 -23.96
N THR H 56 31.24 10.32 -23.16
CA THR H 56 32.59 9.87 -23.48
C THR H 56 33.19 9.14 -22.30
N ILE H 57 33.68 7.92 -22.54
CA ILE H 57 34.41 7.15 -21.55
C ILE H 57 35.77 6.84 -22.11
N LYS H 58 36.79 7.32 -21.42
CA LYS H 58 38.19 7.11 -21.78
C LYS H 58 38.83 6.27 -20.68
N THR H 59 39.49 5.19 -21.06
CA THR H 59 40.20 4.36 -20.11
C THR H 59 41.69 4.59 -20.34
N GLU H 60 42.39 4.99 -19.28
CA GLU H 60 43.84 5.18 -19.31
C GLU H 60 44.50 4.16 -18.41
N SER H 61 45.23 3.22 -18.99
CA SER H 61 46.00 2.27 -18.20
C SER H 61 47.49 2.54 -18.36
N THR H 62 48.30 1.59 -17.87
CA THR H 62 49.75 1.82 -17.89
C THR H 62 50.25 2.12 -19.29
N LEU H 63 49.84 1.32 -20.27
CA LEU H 63 50.26 1.51 -21.65
C LEU H 63 49.09 1.78 -22.59
N LYS H 64 47.93 1.17 -22.35
CA LYS H 64 46.80 1.23 -23.24
C LYS H 64 45.88 2.40 -22.89
N THR H 65 45.36 3.06 -23.92
CA THR H 65 44.39 4.13 -23.79
C THR H 65 43.28 3.88 -24.80
N THR H 66 42.04 3.77 -24.31
CA THR H 66 40.89 3.66 -25.19
C THR H 66 39.95 4.84 -24.98
N GLN H 67 39.17 5.15 -26.00
CA GLN H 67 38.14 6.16 -25.88
C GLN H 67 36.94 5.77 -26.71
N PHE H 68 35.75 5.86 -26.13
CA PHE H 68 34.53 5.73 -26.92
C PHE H 68 33.53 6.81 -26.54
N SER H 69 32.90 7.38 -27.57
CA SER H 69 31.84 8.39 -27.44
C SER H 69 30.57 7.89 -28.11
N CYS H 70 29.44 8.30 -27.55
CA CYS H 70 28.14 7.96 -28.12
C CYS H 70 27.12 8.91 -27.51
N THR H 71 25.90 8.87 -28.07
CA THR H 71 24.78 9.67 -27.57
C THR H 71 23.89 8.81 -26.68
N LEU H 72 23.63 9.29 -25.47
CA LEU H 72 22.69 8.61 -24.57
C LEU H 72 21.36 8.35 -25.28
N GLY H 73 20.84 7.14 -25.11
CA GLY H 73 19.57 6.74 -25.67
C GLY H 73 19.61 6.22 -27.10
N GLU H 74 20.68 6.48 -27.86
CA GLU H 74 20.71 6.12 -29.27
C GLU H 74 21.47 4.79 -29.38
N LYS H 75 20.74 3.71 -29.65
CA LYS H 75 21.34 2.42 -29.90
C LYS H 75 22.04 2.46 -31.25
N PHE H 76 23.24 1.89 -31.31
CA PHE H 76 24.06 2.00 -32.50
C PHE H 76 24.83 0.69 -32.70
N GLU H 77 25.54 0.61 -33.83
CA GLU H 77 26.28 -0.60 -34.19
C GLU H 77 27.76 -0.31 -34.21
N GLU H 78 28.52 -1.15 -33.51
CA GLU H 78 29.97 -1.16 -33.62
C GLU H 78 30.46 -2.54 -34.04
N THR H 79 31.79 -2.73 -33.99
CA THR H 79 32.43 -3.96 -34.44
C THR H 79 33.47 -4.34 -33.39
N THR H 80 33.32 -5.53 -32.80
CA THR H 80 34.32 -6.12 -31.90
C THR H 80 35.67 -6.27 -32.60
N ALA H 81 36.68 -6.74 -31.85
CA ALA H 81 37.99 -6.96 -32.45
C ALA H 81 37.92 -8.03 -33.55
N ASP H 82 37.19 -9.11 -33.30
CA ASP H 82 37.04 -10.17 -34.31
C ASP H 82 36.36 -9.67 -35.56
N GLY H 83 35.64 -8.57 -35.49
CA GLY H 83 34.77 -8.14 -36.55
C GLY H 83 33.32 -8.55 -36.40
N ARG H 84 32.86 -8.79 -35.18
CA ARG H 84 31.49 -9.20 -34.94
C ARG H 84 30.60 -7.97 -34.74
N LYS H 85 29.55 -7.88 -35.53
CA LYS H 85 28.58 -6.80 -35.37
C LYS H 85 28.02 -6.79 -33.96
N THR H 86 28.06 -5.61 -33.32
CA THR H 86 27.60 -5.43 -31.95
C THR H 86 26.57 -4.32 -31.91
N GLN H 87 25.46 -4.55 -31.22
CA GLN H 87 24.48 -3.49 -30.95
C GLN H 87 24.70 -3.01 -29.53
N THR H 88 24.88 -1.70 -29.37
CA THR H 88 25.21 -1.10 -28.09
C THR H 88 24.32 0.10 -27.83
N VAL H 89 23.89 0.24 -26.58
CA VAL H 89 23.19 1.45 -26.18
C VAL H 89 23.59 1.80 -24.75
N CYS H 90 23.73 3.10 -24.50
CA CYS H 90 24.02 3.65 -23.18
C CYS H 90 22.87 4.54 -22.78
N ASN H 91 22.34 4.33 -21.57
CA ASN H 91 21.24 5.14 -21.02
C ASN H 91 21.52 5.42 -19.57
N PHE H 92 21.19 6.62 -19.12
CA PHE H 92 21.13 6.87 -17.67
C PHE H 92 19.70 6.59 -17.25
N THR H 93 19.50 5.45 -16.58
CA THR H 93 18.18 4.98 -16.17
C THR H 93 18.23 4.60 -14.70
N ASP H 94 17.19 5.00 -13.97
CA ASP H 94 17.02 4.59 -12.58
C ASP H 94 18.31 4.81 -11.77
N GLY H 95 18.94 5.97 -11.97
CA GLY H 95 20.08 6.36 -11.14
C GLY H 95 21.42 5.75 -11.50
N ALA H 96 21.51 4.99 -12.59
CA ALA H 96 22.78 4.44 -13.03
C ALA H 96 22.97 4.69 -14.51
N LEU H 97 24.24 4.81 -14.93
CA LEU H 97 24.57 4.69 -16.35
C LEU H 97 24.59 3.22 -16.72
N VAL H 98 23.77 2.83 -17.69
CA VAL H 98 23.64 1.45 -18.13
C VAL H 98 24.13 1.29 -19.56
N GLN H 99 25.03 0.34 -19.76
CA GLN H 99 25.62 0.08 -21.06
C GLN H 99 25.28 -1.36 -21.42
N HIS H 100 24.41 -1.53 -22.41
CA HIS H 100 23.98 -2.85 -22.83
C HIS H 100 24.57 -3.15 -24.20
N GLN H 101 25.12 -4.34 -24.35
CA GLN H 101 25.78 -4.78 -25.58
C GLN H 101 25.32 -6.20 -25.93
N GLU H 102 24.99 -6.42 -27.21
CA GLU H 102 24.62 -7.75 -27.66
C GLU H 102 25.36 -8.06 -28.96
N TRP H 103 25.81 -9.32 -29.07
CA TRP H 103 26.58 -9.80 -30.20
C TRP H 103 26.60 -11.33 -30.18
N ASP H 104 26.51 -11.96 -31.35
CA ASP H 104 26.48 -13.43 -31.46
C ASP H 104 25.50 -14.06 -30.47
N GLY H 105 24.30 -13.49 -30.36
CA GLY H 105 23.34 -14.07 -29.45
C GLY H 105 23.71 -14.04 -27.99
N LYS H 106 24.73 -13.28 -27.62
CA LYS H 106 25.09 -13.01 -26.23
C LYS H 106 24.77 -11.57 -25.88
N GLU H 107 24.72 -11.29 -24.58
CA GLU H 107 24.49 -9.94 -24.11
C GLU H 107 25.27 -9.75 -22.82
N SER H 108 25.86 -8.56 -22.68
CA SER H 108 26.53 -8.14 -21.46
C SER H 108 25.98 -6.78 -21.06
N THR H 109 25.69 -6.62 -19.77
CA THR H 109 25.21 -5.37 -19.23
C THR H 109 26.23 -4.87 -18.23
N ILE H 110 26.59 -3.60 -18.33
CA ILE H 110 27.55 -2.94 -17.45
C ILE H 110 26.86 -1.71 -16.88
N THR H 111 26.77 -1.63 -15.57
CA THR H 111 26.15 -0.52 -14.87
C THR H 111 27.22 0.23 -14.09
N ARG H 112 27.23 1.55 -14.21
CA ARG H 112 28.10 2.41 -13.42
C ARG H 112 27.21 3.32 -12.59
N LYS H 113 27.43 3.32 -11.28
CA LYS H 113 26.61 4.11 -10.37
C LYS H 113 27.49 4.69 -9.27
N LEU H 114 27.04 5.80 -8.72
CA LEU H 114 27.73 6.47 -7.62
C LEU H 114 27.20 5.91 -6.31
N LYS H 115 28.10 5.47 -5.45
CA LYS H 115 27.71 4.85 -4.18
C LYS H 115 28.75 5.26 -3.14
N ASP H 116 28.32 6.11 -2.21
CA ASP H 116 29.17 6.57 -1.11
C ASP H 116 30.42 7.28 -1.65
N GLY H 117 30.23 8.14 -2.63
CA GLY H 117 31.35 8.82 -3.22
C GLY H 117 32.24 8.00 -4.14
N LYS H 118 32.00 6.68 -4.27
CA LYS H 118 32.80 5.84 -5.15
C LYS H 118 32.02 5.42 -6.39
N LEU H 119 32.73 5.19 -7.49
CA LEU H 119 32.12 4.65 -8.70
C LEU H 119 32.08 3.13 -8.58
N VAL H 120 30.89 2.56 -8.60
CA VAL H 120 30.71 1.11 -8.53
C VAL H 120 30.25 0.66 -9.91
N VAL H 121 30.90 -0.37 -10.42
CA VAL H 121 30.69 -0.83 -11.79
C VAL H 121 30.39 -2.31 -11.74
N GLU H 122 29.18 -2.70 -12.12
CA GLU H 122 28.80 -4.10 -12.16
C GLU H 122 28.68 -4.55 -13.61
N CYS H 123 29.37 -5.61 -13.95
CA CYS H 123 29.31 -6.20 -15.28
C CYS H 123 28.71 -7.59 -15.12
N VAL H 124 27.66 -7.85 -15.89
CA VAL H 124 26.88 -9.07 -15.77
C VAL H 124 26.79 -9.69 -17.14
N MET H 125 27.20 -10.95 -17.25
CA MET H 125 26.89 -11.76 -18.41
C MET H 125 26.50 -13.14 -17.94
N ASN H 126 25.38 -13.64 -18.45
CA ASN H 126 24.86 -14.91 -17.96
C ASN H 126 24.63 -14.70 -16.47
N ASN H 127 25.12 -15.57 -15.60
CA ASN H 127 25.01 -15.31 -14.18
C ASN H 127 26.37 -15.08 -13.56
N VAL H 128 27.25 -14.45 -14.33
CA VAL H 128 28.56 -14.04 -13.85
C VAL H 128 28.50 -12.53 -13.61
N THR H 129 28.77 -12.12 -12.38
CA THR H 129 28.85 -10.73 -11.99
C THR H 129 30.28 -10.38 -11.61
N CYS H 130 30.74 -9.22 -12.08
CA CYS H 130 32.04 -8.66 -11.75
C CYS H 130 31.79 -7.26 -11.21
N THR H 131 32.27 -6.99 -10.01
CA THR H 131 32.13 -5.67 -9.42
C THR H 131 33.49 -5.00 -9.35
N ARG H 132 33.53 -3.73 -9.70
CA ARG H 132 34.78 -2.97 -9.69
C ARG H 132 34.51 -1.61 -9.07
N ILE H 133 35.38 -1.22 -8.13
CA ILE H 133 35.20 -0.02 -7.33
C ILE H 133 36.31 0.96 -7.69
N TYR H 134 35.94 2.20 -7.99
CA TYR H 134 36.91 3.21 -8.34
C TYR H 134 36.71 4.41 -7.42
N GLU H 135 37.80 5.12 -7.14
CA GLU H 135 37.79 6.31 -6.31
C GLU H 135 38.11 7.51 -7.17
N LYS H 136 37.42 8.61 -6.89
CA LYS H 136 37.61 9.85 -7.63
C LYS H 136 38.97 10.46 -7.30
N VAL H 137 39.74 10.82 -8.34
CA VAL H 137 41.04 11.46 -8.14
C VAL H 137 41.16 12.65 -9.08
N GLU H 138 41.96 13.64 -8.67
CA GLU H 138 42.35 14.74 -9.58
C GLU H 138 43.29 14.19 -10.67
C12 8KS I . 8.83 5.94 42.97
C11 8KS I . 5.44 4.54 43.52
C10 8KS I . 4.54 3.49 43.30
O15 8KS I . 8.65 4.83 40.80
C16 8KS I . 8.98 3.82 39.93
O01 8KS I . 9.48 5.66 47.32
C02 8KS I . 8.60 5.82 46.46
O03 8KS I . 7.49 6.34 46.66
C04 8KS I . 8.89 5.33 45.03
C05 8KS I . 7.70 5.56 44.03
C06 8KS I . 6.80 4.36 43.81
C07 8KS I . 7.23 3.03 43.88
C08 8KS I . 6.33 1.96 43.66
C09 8KS I . 4.98 2.19 43.39
C13 8KS I . 9.26 4.90 42.05
O14 8KS I . 9.92 3.90 42.40
C17 8KS I . 10.25 3.72 39.35
C18 8KS I . 10.56 2.68 38.45
C19 8KS I . 9.64 1.73 38.14
C20 8KS I . 8.32 1.78 38.74
C21 8KS I . 7.34 0.80 38.43
C22 8KS I . 6.09 0.81 38.97
C23 8KS I . 5.73 1.84 39.85
C24 8KS I . 6.65 2.81 40.18
C25 8KS I . 7.98 2.82 39.63
C26 8KS I . 9.78 6.31 44.17
C27 8KS I . 9.78 7.75 44.50
C28 8KS I . 10.91 8.40 45.05
C29 8KS I . 10.88 9.76 45.35
C30 8KS I . 9.73 10.54 45.09
C31 8KS I . 8.61 9.93 44.52
C32 8KS I . 8.67 8.57 44.25
S SO4 J . 6.13 -13.86 30.47
O1 SO4 J . 6.50 -14.78 31.53
O2 SO4 J . 5.10 -14.48 29.63
O3 SO4 J . 7.28 -13.48 29.64
O4 SO4 J . 5.62 -12.62 31.08
S SO4 K . 18.33 18.31 36.77
O1 SO4 K . 18.04 16.98 37.32
O2 SO4 K . 17.22 19.21 37.07
O3 SO4 K . 19.55 18.83 37.39
O4 SO4 K . 18.53 18.21 35.32
S SO4 L . 14.81 7.55 27.00
O1 SO4 L . 15.06 6.53 28.02
O2 SO4 L . 13.42 7.44 26.56
O3 SO4 L . 15.71 7.34 25.83
O4 SO4 L . 15.04 8.88 27.59
C1 MYR M . 4.46 4.64 30.20
O1 MYR M . 3.50 3.84 30.34
O2 MYR M . 5.48 4.16 29.70
C2 MYR M . 4.40 6.12 30.59
C3 MYR M . 4.00 6.42 32.03
C4 MYR M . 5.11 7.04 32.90
C5 MYR M . 4.91 8.52 33.24
C6 MYR M . 5.16 8.91 34.71
C7 MYR M . 6.61 9.29 34.95
C8 MYR M . 6.99 9.32 36.42
C9 MYR M . 8.45 8.93 36.63
C10 MYR M . 8.59 7.73 37.56
C11 MYR M . 8.00 6.43 36.98
C12 MYR M . 8.95 5.75 35.99
C13 MYR M . 8.17 4.91 34.98
C14 MYR M . 7.43 3.75 35.62
H21 MYR M . 3.71 6.62 29.92
H22 MYR M . 5.39 6.55 30.40
H31 MYR M . 3.65 5.51 32.50
H32 MYR M . 3.15 7.11 32.01
H41 MYR M . 6.07 6.93 32.39
H42 MYR M . 5.18 6.48 33.83
H51 MYR M . 3.88 8.80 32.99
H52 MYR M . 5.56 9.13 32.61
H61 MYR M . 4.90 8.06 35.34
H62 MYR M . 4.51 9.73 34.98
H71 MYR M . 6.79 10.28 34.51
H72 MYR M . 7.26 8.58 34.43
H81 MYR M . 6.35 8.64 36.97
H82 MYR M . 6.83 10.33 36.82
H91 MYR M . 9.00 9.77 37.04
H92 MYR M . 8.89 8.68 35.65
H101 MYR M . 8.10 7.95 38.50
H102 MYR M . 9.65 7.56 37.77
H111 MYR M . 7.06 6.66 36.48
H112 MYR M . 7.79 5.74 37.79
H121 MYR M . 9.63 5.10 36.55
H122 MYR M . 9.54 6.50 35.48
H131 MYR M . 8.86 4.52 34.23
H132 MYR M . 7.45 5.55 34.46
H141 MYR M . 7.62 3.76 36.70
H142 MYR M . 7.79 2.81 35.21
H143 MYR M . 6.36 3.84 35.45
C12 8KS N . -16.10 -27.24 -2.38
C11 8KS N . -13.36 -27.39 0.08
C10 8KS N . -12.64 -26.73 1.08
O15 8KS N . -15.59 -24.82 -2.51
C16 8KS N . -15.86 -23.48 -2.28
O01 8KS N . -15.91 -30.61 -0.28
C02 8KS N . -16.97 -30.03 -0.48
O03 8KS N . -18.08 -30.56 -0.39
C04 8KS N . -16.91 -28.54 -0.88
C05 8KS N . -15.47 -28.04 -1.18
C06 8KS N . -14.75 -27.29 -0.07
C07 8KS N . -15.41 -26.49 0.89
C08 8KS N . -14.70 -25.82 1.90
C09 8KS N . -13.32 -25.93 2.02
C13 8KS N . -16.44 -25.83 -2.11
O14 8KS N . -17.44 -25.45 -1.51
C17 8KS N . -16.89 -22.83 -2.91
C18 8KS N . -17.14 -21.45 -2.70
C19 8KS N . -16.33 -20.75 -1.83
C20 8KS N . -15.22 -21.37 -1.13
C21 8KS N . -14.37 -20.61 -0.22
C22 8KS N . -13.32 -21.18 0.47
C23 8KS N . -13.10 -22.58 0.23
C24 8KS N . -13.90 -23.30 -0.64
C25 8KS N . -14.98 -22.74 -1.36
C26 8KS N . -17.27 -28.27 -2.39
C27 8KS N . -17.17 -29.44 -3.36
C28 8KS N . -18.33 -30.13 -3.81
C29 8KS N . -18.20 -31.22 -4.69
C30 8KS N . -16.95 -31.63 -5.19
C31 8KS N . -15.80 -30.95 -4.77
C32 8KS N . -15.94 -29.90 -3.87
S SO4 O . -16.99 -14.70 -13.69
O1 SO4 O . -17.18 -16.02 -14.32
O2 SO4 O . -17.58 -14.72 -12.36
O3 SO4 O . -17.64 -13.69 -14.53
O4 SO4 O . -15.57 -14.40 -13.57
S SO4 P . -21.17 -26.55 -19.40
O1 SO4 P . -21.05 -27.88 -18.80
O2 SO4 P . -22.56 -26.08 -19.30
O3 SO4 P . -20.75 -26.56 -20.81
O4 SO4 P . -20.31 -25.60 -18.68
C1 MYR Q . -8.56 -16.63 -6.50
O1 MYR Q . -7.85 -16.82 -5.49
O2 MYR Q . -9.19 -15.55 -6.61
C2 MYR Q . -8.66 -17.66 -7.61
C3 MYR Q . -8.64 -19.07 -7.06
C4 MYR Q . -9.11 -20.06 -8.12
C5 MYR Q . -9.21 -21.48 -7.57
C6 MYR Q . -10.15 -22.35 -8.41
C7 MYR Q . -10.54 -23.61 -7.64
C8 MYR Q . -11.77 -24.31 -8.20
C9 MYR Q . -13.06 -23.63 -7.82
C10 MYR Q . -13.57 -23.97 -6.42
C11 MYR Q . -14.67 -22.98 -6.00
C12 MYR Q . -14.19 -21.93 -5.01
C13 MYR Q . -13.26 -20.89 -5.66
C14 MYR Q . -12.69 -19.89 -4.66
H21 MYR Q . -7.84 -17.53 -8.30
H22 MYR Q . -9.59 -17.50 -8.17
H31 MYR Q . -9.30 -19.13 -6.19
H32 MYR Q . -7.64 -19.32 -6.75
H41 MYR Q . -8.41 -20.05 -8.96
H42 MYR Q . -10.09 -19.76 -8.50
H51 MYR Q . -9.57 -21.44 -6.54
H52 MYR Q . -8.22 -21.94 -7.55
H61 MYR Q . -9.66 -22.62 -9.34
H62 MYR Q . -11.05 -21.78 -8.65
H71 MYR Q . -10.73 -23.34 -6.61
H72 MYR Q . -9.70 -24.30 -7.65
H81 MYR Q . -11.79 -25.34 -7.83
H82 MYR Q . -11.69 -24.35 -9.29
H91 MYR Q . -13.83 -23.88 -8.55
H92 MYR Q . -12.91 -22.55 -7.88
H101 MYR Q . -12.75 -23.93 -5.71
H102 MYR Q . -13.97 -24.99 -6.41
H111 MYR Q . -15.48 -23.54 -5.55
H112 MYR Q . -15.06 -22.49 -6.88
H121 MYR Q . -13.65 -22.41 -4.19
H122 MYR Q . -15.04 -21.42 -4.58
H131 MYR Q . -13.81 -20.35 -6.42
H132 MYR Q . -12.44 -21.41 -6.16
H141 MYR Q . -13.06 -20.11 -3.65
H142 MYR Q . -12.99 -18.88 -4.93
H143 MYR Q . -11.60 -19.96 -4.66
C12 8KS R . 11.50 32.25 4.21
C11 8KS R . 9.77 32.52 1.30
C10 8KS R . 8.74 32.21 0.40
O15 8KS R . 9.27 31.60 4.80
C16 8KS R . 7.99 31.87 5.17
O01 8KS R . 14.04 32.73 1.12
C02 8KS R . 13.54 33.71 1.76
O03 8KS R . 13.96 34.88 1.73
C04 8KS R . 12.30 33.47 2.64
C05 8KS R . 11.84 32.00 2.66
C06 8KS R . 10.77 31.63 1.68
C07 8KS R . 10.70 30.37 1.08
C08 8KS R . 9.67 30.04 0.17
C09 8KS R . 8.69 30.96 -0.18
C13 8KS R . 10.13 32.62 4.54
O14 8KS R . 9.58 33.65 4.17
C17 8KS R . 7.70 32.54 6.36
C18 8KS R . 6.37 32.80 6.72
C19 8KS R . 5.36 32.39 5.91
C20 8KS R . 5.62 31.71 4.69
C21 8KS R . 4.53 31.28 3.85
C22 8KS R . 4.78 30.62 2.67
C23 8KS R . 6.12 30.34 2.27
C24 8KS R . 7.19 30.74 3.08
C25 8KS R . 6.95 31.45 4.31
C26 8KS R . 12.61 33.37 4.19
C27 8KS R . 13.98 32.96 4.62
C28 8KS R . 14.87 33.85 5.23
C29 8KS R . 16.15 33.45 5.63
C30 8KS R . 16.60 32.15 5.44
C31 8KS R . 15.75 31.23 4.84
C32 8KS R . 14.47 31.65 4.44
S SO4 S . 3.50 28.75 18.97
O1 SO4 S . 2.88 27.58 18.35
O2 SO4 S . 2.80 29.02 20.25
O3 SO4 S . 3.36 29.87 18.04
O4 SO4 S . 4.94 28.55 19.23
S SO4 T . -11.96 32.45 0.85
O1 SO4 T . -12.08 32.77 2.28
O2 SO4 T . -13.02 31.49 0.48
O3 SO4 T . -10.64 31.90 0.55
O4 SO4 T . -12.11 33.67 0.05
C1 MYR U . 2.04 23.33 8.97
O1 MYR U . 1.45 24.16 9.70
O2 MYR U . 1.48 22.95 7.92
C2 MYR U . 3.40 22.82 9.39
C3 MYR U . 4.51 23.16 8.40
C4 MYR U . 5.91 23.16 9.06
C5 MYR U . 6.92 23.92 8.20
C6 MYR U . 8.21 24.28 8.97
C7 MYR U . 9.03 25.35 8.24
C8 MYR U . 9.66 26.34 9.22
C9 MYR U . 10.13 27.65 8.56
C10 MYR U . 9.16 28.82 8.75
C11 MYR U . 8.13 28.88 7.63
C12 MYR U . 6.76 29.30 8.13
C13 MYR U . 5.63 28.78 7.24
C14 MYR U . 4.75 27.73 7.92
H21 MYR U . 3.36 21.73 9.51
H22 MYR U . 3.66 23.24 10.37
H31 MYR U . 4.32 24.14 7.97
H32 MYR U . 4.50 22.44 7.58
H41 MYR U . 6.25 22.13 9.20
H42 MYR U . 5.84 23.62 10.04
H51 MYR U . 6.47 24.84 7.83
H52 MYR U . 7.19 23.32 7.34
H61 MYR U . 8.81 23.39 9.10
H62 MYR U . 7.94 24.65 9.96
H71 MYR U . 9.81 24.87 7.66
H72 MYR U . 8.39 25.90 7.55
H81 MYR U . 10.52 25.87 9.70
H82 MYR U . 8.94 26.58 10.00
H91 MYR U . 10.27 27.47 7.50
H92 MYR U . 11.10 27.92 8.98
H101 MYR U . 9.72 29.75 8.78
H102 MYR U . 8.64 28.72 9.71
H111 MYR U . 8.05 27.89 7.16
H112 MYR U . 8.47 29.58 6.87
H121 MYR U . 6.72 30.39 8.17
H122 MYR U . 6.62 28.92 9.14
H131 MYR U . 6.05 28.36 6.34
H132 MYR U . 5.01 29.62 6.94
H141 MYR U . 5.12 27.55 8.93
H142 MYR U . 4.79 26.80 7.35
H143 MYR U . 3.72 28.09 7.97
C12 8KS V . -4.07 -11.02 -44.57
C11 8KS V . -1.56 -9.19 -45.97
C10 8KS V . -0.38 -8.46 -45.98
O15 8KS V . -2.36 -11.85 -43.06
C16 8KS V . -1.19 -12.53 -42.79
O01 8KS V . -5.48 -10.34 -48.63
C02 8KS V . -5.11 -9.68 -47.63
O03 8KS V . -5.40 -8.49 -47.40
C04 8KS V . -4.20 -10.43 -46.61
C05 8KS V . -3.93 -9.65 -45.29
C06 8KS V . -2.69 -8.85 -45.23
C07 8KS V . -2.61 -7.69 -44.47
C08 8KS V . -1.43 -6.95 -44.45
C09 8KS V . -0.32 -7.31 -45.20
C13 8KS V . -2.86 -11.74 -44.36
O14 8KS V . -2.28 -12.36 -45.23
C17 8KS V . -1.16 -13.91 -42.68
C18 8KS V . 0.04 -14.59 -42.34
C19 8KS V . 1.19 -13.89 -42.13
C20 8KS V . 1.20 -12.46 -42.23
C21 8KS V . 2.41 -11.73 -42.03
C22 8KS V . 2.44 -10.38 -42.13
C23 8KS V . 1.22 -9.67 -42.45
C24 8KS V . 0.06 -10.36 -42.66
C25 8KS V . 0.01 -11.78 -42.57
C26 8KS V . -5.00 -11.47 -45.78
C27 8KS V . -6.49 -11.23 -45.58
C28 8KS V . -6.99 -10.34 -44.63
C29 8KS V . -8.37 -10.13 -44.44
C30 8KS V . -9.31 -10.82 -45.22
C31 8KS V . -8.83 -11.72 -46.19
C32 8KS V . -7.47 -11.91 -46.34
S SO4 W . -1.38 -22.28 -32.17
O1 SO4 W . -2.84 -22.29 -32.32
O2 SO4 W . -0.94 -23.56 -31.61
O3 SO4 W . -0.79 -22.08 -33.50
O4 SO4 W . -0.94 -21.20 -31.29
S SO4 X . 11.04 -14.17 -42.77
O1 SO4 X . 10.19 -15.19 -42.12
O2 SO4 X . 11.14 -12.96 -41.96
O3 SO4 X . 12.39 -14.71 -42.98
O4 SO4 X . 10.47 -13.80 -44.08
C1 MYR Y . 2.27 -11.77 -32.51
O1 MYR Y . 2.90 -12.85 -32.41
O2 MYR Y . 2.90 -10.70 -32.72
C2 MYR Y . 0.77 -11.82 -32.38
C3 MYR Y . 0.04 -10.70 -33.12
C4 MYR Y . -1.41 -11.11 -33.42
C5 MYR Y . -2.09 -10.13 -34.37
C6 MYR Y . -3.40 -10.66 -34.96
C7 MYR Y . -3.19 -11.57 -36.17
C8 MYR Y . -4.32 -11.41 -37.18
C9 MYR Y . -4.50 -12.66 -38.04
C10 MYR Y . -3.46 -12.78 -39.14
C11 MYR Y . -2.21 -13.51 -38.66
C12 MYR Y . -0.94 -12.82 -39.15
C13 MYR Y . 0.31 -13.38 -38.47
C14 MYR Y . 0.71 -12.59 -37.24
H21 MYR Y . 0.51 -11.77 -31.32
H22 MYR Y . 0.41 -12.78 -32.76
H31 MYR Y . 0.56 -10.48 -34.05
H32 MYR Y . 0.05 -9.79 -32.51
H41 MYR Y . -1.96 -11.15 -32.48
H42 MYR Y . -1.41 -12.11 -33.85
H51 MYR Y . -2.28 -9.19 -33.85
H52 MYR Y . -1.40 -9.90 -35.20
H61 MYR Y . -4.03 -9.82 -35.26
H62 MYR Y . -3.93 -11.20 -34.18
H71 MYR Y . -3.15 -12.61 -35.83
H72 MYR Y . -2.24 -11.34 -36.63
H81 MYR Y . -4.10 -10.56 -37.82
H82 MYR Y . -5.24 -11.21 -36.65
H91 MYR Y . -5.49 -12.63 -38.50
H92 MYR Y . -4.46 -13.54 -37.40
H101 MYR Y . -3.17 -11.79 -39.49
H102 MYR Y . -3.88 -13.32 -39.98
H111 MYR Y . -2.22 -14.54 -39.03
H112 MYR Y . -2.21 -13.55 -37.57
H121 MYR Y . -1.01 -11.75 -38.94
H122 MYR Y . -0.86 -12.94 -40.22
H131 MYR Y . 0.13 -14.42 -38.19
H132 MYR Y . 1.14 -13.37 -39.19
H141 MYR Y . 0.01 -11.76 -37.09
H142 MYR Y . 1.72 -12.18 -37.38
H143 MYR Y . 0.70 -13.24 -36.37
C12 8KS Z . 5.74 36.75 -13.35
C11 8KS Z . 6.01 36.07 -10.18
C10 8KS Z . 5.70 36.08 -8.83
O15 8KS Z . 4.20 38.45 -12.44
C16 8KS Z . 2.96 38.82 -12.02
O01 8KS Z . 9.55 34.87 -13.49
C02 8KS Z . 8.62 35.71 -13.64
O03 8KS Z . 8.56 36.60 -14.54
C04 8KS Z . 7.49 35.66 -12.65
C05 8KS Z . 6.88 37.04 -12.32
C06 8KS Z . 6.51 37.16 -10.88
C07 8KS Z . 6.67 38.32 -10.15
C08 8KS Z . 6.35 38.38 -8.79
C09 8KS Z . 5.84 37.26 -8.12
C13 8KS Z . 4.39 37.17 -12.94
O14 8KS Z . 3.57 36.38 -12.51
C17 8KS Z . 1.84 38.45 -12.75
C18 8KS Z . 0.54 38.83 -12.33
C19 8KS Z . 0.36 39.58 -11.19
C20 8KS Z . 1.49 39.99 -10.41
C21 8KS Z . 1.31 40.78 -9.21
C22 8KS Z . 2.38 41.19 -8.43
C23 8KS Z . 3.70 40.83 -8.82
C24 8KS Z . 3.88 40.07 -9.96
C25 8KS Z . 2.80 39.62 -10.81
C26 8KS Z . 6.12 35.23 -13.28
C27 8KS Z . 6.19 34.47 -14.58
C28 8KS Z . 6.64 33.15 -14.66
C29 8KS Z . 6.68 32.48 -15.89
C30 8KS Z . 6.27 33.09 -17.07
C31 8KS Z . 5.80 34.41 -17.02
C32 8KS Z . 5.77 35.06 -15.79
S SO4 AA . 5.53 43.84 -21.93
O1 SO4 AA . 5.61 44.25 -20.53
O2 SO4 AA . 6.00 42.46 -22.01
O3 SO4 AA . 4.14 43.96 -22.44
O4 SO4 AA . 6.39 44.70 -22.74
S SO4 BA . 14.78 14.49 -25.47
O1 SO4 BA . 14.73 13.06 -25.80
O2 SO4 BA . 14.90 14.63 -24.02
O3 SO4 BA . 15.93 15.14 -26.12
O4 SO4 BA . 13.55 15.13 -25.93
C12 8KS CA . -30.59 -5.77 14.77
C11 8KS CA . -32.16 -7.88 17.02
C10 8KS CA . -32.24 -9.03 17.79
O15 8KS CA . -29.27 -7.82 14.46
C16 8KS CA . -28.07 -8.48 14.37
O01 8KS CA . -32.97 -4.38 13.46
C02 8KS CA . -33.38 -4.46 14.65
O03 8KS CA . -34.40 -3.89 15.11
C04 8KS CA . -32.60 -5.36 15.61
C05 8KS CA . -31.98 -6.57 14.87
C06 8KS CA . -32.05 -7.87 15.63
C07 8KS CA . -32.05 -9.14 15.02
C08 8KS CA . -32.12 -10.32 15.78
C09 8KS CA . -32.21 -10.27 17.17
C13 8KS CA . -29.35 -6.56 14.99
O14 8KS CA . -28.69 -6.48 16.02
C17 8KS CA . -26.88 -7.77 14.34
C18 8KS CA . -25.65 -8.44 14.25
C19 8KS CA . -25.59 -9.80 14.17
C20 8KS CA . -26.78 -10.59 14.20
C21 8KS CA . -26.71 -12.04 14.12
C22 8KS CA . -27.84 -12.83 14.13
C23 8KS CA . -29.11 -12.20 14.23
C24 8KS CA . -29.19 -10.82 14.30
C25 8KS CA . -28.04 -9.95 14.29
C26 8KS CA . -31.15 -4.82 15.91
C27 8KS CA . -30.97 -3.34 15.76
C28 8KS CA . -30.16 -2.79 14.75
C29 8KS CA . -30.01 -1.41 14.61
C30 8KS CA . -30.64 -0.51 15.49
C31 8KS CA . -31.45 -1.02 16.51
C32 8KS CA . -31.59 -2.40 16.62
S SO4 DA . -13.87 -6.65 7.95
O1 SO4 DA . -14.60 -6.88 9.20
O2 SO4 DA . -13.43 -7.95 7.45
O3 SO4 DA . -12.70 -5.84 8.26
O4 SO4 DA . -14.71 -6.01 6.94
C12 8KS EA . -14.34 -27.93 16.40
C11 8KS EA . -14.52 -27.07 13.28
C10 8KS EA . -14.84 -26.25 12.20
O15 8KS EA . -15.98 -26.06 16.82
C16 8KS EA . -16.35 -24.74 16.58
O01 8KS EA . -13.17 -31.78 14.75
C02 8KS EA . -13.77 -30.89 15.44
O03 8KS EA . -14.40 -31.09 16.51
C04 8KS EA . -13.71 -29.43 14.92
C05 8KS EA . -15.03 -28.65 15.18
C06 8KS EA . -15.46 -27.78 14.03
C07 8KS EA . -16.78 -27.62 13.65
C08 8KS EA . -17.12 -26.80 12.57
C09 8KS EA . -16.16 -26.11 11.84
C13 8KS EA . -14.65 -26.48 16.53
O14 8KS EA . -13.96 -25.60 16.01
C17 8KS EA . -15.60 -23.71 17.10
C18 8KS EA . -15.96 -22.36 16.88
C19 8KS EA . -17.06 -22.05 16.12
C20 8KS EA . -17.88 -23.07 15.55
C21 8KS EA . -19.04 -22.73 14.75
C22 8KS EA . -19.86 -23.68 14.18
C23 8KS EA . -19.54 -25.05 14.40
C24 8KS EA . -18.43 -25.40 15.16
C25 8KS EA . -17.55 -24.43 15.77
C26 8KS EA . -12.95 -28.40 15.84
C27 8KS EA . -11.92 -28.95 16.82
C28 8KS EA . -12.22 -29.25 18.16
C29 8KS EA . -11.24 -29.75 19.03
C30 8KS EA . -9.93 -29.96 18.60
C31 8KS EA . -9.60 -29.65 17.28
C32 8KS EA . -10.59 -29.16 16.45
S SO4 FA . -18.10 -30.77 26.20
O1 SO4 FA . -18.06 -29.44 26.83
O2 SO4 FA . -18.72 -31.69 27.17
O3 SO4 FA . -18.87 -30.77 24.95
O4 SO4 FA . -16.74 -31.20 25.88
S SO4 GA . -19.03 -17.95 30.38
O1 SO4 GA . -19.33 -19.36 30.70
O2 SO4 GA . -18.31 -17.31 31.50
O3 SO4 GA . -20.30 -17.27 30.13
O4 SO4 GA . -18.18 -17.86 29.19
OH2 1PE HA . -21.65 -29.01 4.11
C12 1PE HA . -22.63 -28.69 3.16
C22 1PE HA . -23.94 -29.36 3.59
OH3 1PE HA . -24.15 -30.53 2.85
C13 1PE HA . -24.02 -32.90 3.12
C23 1PE HA . -23.26 -31.57 3.16
OH4 1PE HA . -23.09 -33.93 3.05
C14 1PE HA . -21.64 -35.02 4.63
C24 1PE HA . -23.06 -34.72 4.18
OH5 1PE HA . -21.65 -35.07 6.03
C15 1PE HA . -21.02 -33.60 7.84
C25 1PE HA . -20.57 -34.51 6.71
OH6 1PE HA . -21.54 -34.36 8.91
C16 1PE HA . -23.18 -34.56 10.66
C26 1PE HA . -22.31 -33.61 9.82
OH7 1PE HA . -22.68 -35.88 10.65
C12 8KS IA . 39.10 -3.29 -18.17
C11 8KS IA . 40.29 -1.25 -20.39
C10 8KS IA . 41.02 -0.89 -21.48
O15 8KS IA . 41.03 -4.61 -18.98
C16 8KS IA . 41.53 -5.59 -19.86
O01 8KS IA . 38.36 -1.81 -15.72
C02 8KS IA . 38.26 -0.88 -16.55
O03 8KS IA . 37.91 0.29 -16.32
C04 8KS IA . 38.64 -1.18 -17.99
C05 8KS IA . 39.94 -1.99 -18.02
C06 8KS IA . 40.83 -1.63 -19.16
C07 8KS IA . 42.21 -1.65 -19.07
C08 8KS IA . 42.98 -1.29 -20.17
C09 8KS IA . 42.40 -0.92 -21.38
C13 8KS IA . 39.68 -4.28 -19.09
O14 8KS IA . 39.23 -4.45 -20.22
C17 8KS IA . 40.74 -6.67 -20.21
C18 8KS IA . 41.21 -7.66 -21.07
C19 8KS IA . 42.48 -7.60 -21.61
C20 8KS IA . 43.34 -6.51 -21.28
C21 8KS IA . 44.69 -6.45 -21.83
C22 8KS IA . 45.55 -5.42 -21.54
C23 8KS IA . 45.10 -4.39 -20.67
C24 8KS IA . 43.83 -4.43 -20.12
C25 8KS IA . 42.89 -5.49 -20.40
C26 8KS IA . 37.91 -2.39 -18.62
C27 8KS IA . 36.54 -2.73 -18.09
C28 8KS IA . 35.38 -2.08 -18.55
C29 8KS IA . 34.13 -2.43 -18.06
C30 8KS IA . 33.98 -3.44 -17.11
C31 8KS IA . 35.10 -4.11 -16.65
C32 8KS IA . 36.34 -3.75 -17.15
S SO4 JA . 39.31 -10.46 -9.83
O1 SO4 JA . 39.13 -11.70 -10.60
O2 SO4 JA . 39.42 -10.80 -8.40
O3 SO4 JA . 40.51 -9.73 -10.26
O4 SO4 JA . 38.15 -9.59 -10.03
OH2 1PE KA . 49.28 9.82 -20.41
C12 1PE KA . 50.50 9.94 -19.71
C22 1PE KA . 50.68 8.81 -18.68
OH3 1PE KA . 50.58 9.30 -17.38
C13 1PE KA . 48.84 8.15 -16.23
C23 1PE KA . 49.28 9.46 -16.85
OH4 1PE KA . 47.46 8.20 -16.00
C14 1PE KA . 46.88 5.84 -15.83
C24 1PE KA . 46.99 7.19 -15.14
OH5 1PE KA . 47.33 4.81 -14.99
C15 1PE KA . 49.21 3.34 -14.38
C25 1PE KA . 48.73 4.69 -14.94
OH6 1PE KA . 50.07 3.50 -13.26
C16 1PE KA . 48.00 3.93 -11.92
C26 1PE KA . 49.54 4.12 -12.11
OH7 1PE KA . 47.54 4.75 -10.89
HO2 1PE KA . 49.36 10.15 -21.19
H121 1PE KA . 51.24 9.91 -20.34
H122 1PE KA . 50.53 10.79 -19.25
H221 1PE KA . 51.55 8.39 -18.80
H222 1PE KA . 49.99 8.13 -18.83
H131 1PE KA . 49.04 7.41 -16.83
H132 1PE KA . 49.30 8.02 -15.39
H231 1PE KA . 48.67 9.69 -17.57
H232 1PE KA . 49.28 10.15 -16.18
H141 1PE KA . 45.94 5.67 -16.07
H142 1PE KA . 47.41 5.84 -16.65
H241 1PE KA . 47.61 7.10 -14.39
H242 1PE KA . 46.13 7.45 -14.81
H151 1PE KA . 48.44 2.81 -14.12
H152 1PE KA . 49.70 2.87 -15.08
H251 1PE KA . 49.09 4.80 -15.84
H252 1PE KA . 49.09 5.40 -14.38
H161 1PE KA . 47.83 3.00 -11.71
H162 1PE KA . 47.55 4.16 -12.75
H261 1PE KA . 49.98 3.76 -11.33
H262 1PE KA . 49.72 5.07 -12.16
HO7 1PE KA . 48.08 4.73 -10.23
#